data_7SFC
#
_entry.id   7SFC
#
_cell.length_a   161.733
_cell.length_b   78.897
_cell.length_c   117.335
_cell.angle_alpha   90.000
_cell.angle_beta   125.644
_cell.angle_gamma   90.000
#
_symmetry.space_group_name_H-M   'C 1 2 1'
#
loop_
_entity.id
_entity.type
_entity.pdbx_description
1 polymer 'DNA (cytosine-5)-methyltransferase 1'
2 polymer 'DNA (12-MER)'
3 polymer 'DNA (12-MER)'
4 non-polymer 'ZINC ION'
5 non-polymer N-{[4-({[3,5-dicyano-4-ethyl-6-(4-methyl-1,4-diazepan-1-yl)pyridin-2-yl]sulfanyl}methyl)phenyl]methyl}glycinamide
6 non-polymer 1,2-ETHANEDIOL
7 non-polymer GLYCEROL
8 water water
#
loop_
_entity_poly.entity_id
_entity_poly.type
_entity_poly.pdbx_seq_one_letter_code
_entity_poly.pdbx_strand_id
1 'polypeptide(L)'
;HMNRISWVGEAVKTDGKKSYYKKVCIDAETLEVGDCVSVIPDDSSKPLYLARVTALWEDSSNGQMFHAHWFCAGTDTVLG
ATSDPLELFLVDECEDMQLSYIHSKVKVIYKAPSENWAMEGGMDPESLLEGDDGKTYFYQLWYDQDYARFESPPKTQPTE
DNKFKFCVSCARLAEMRQKEIPRVLEQLEDLDSRVLYYSATKNGILYRVGDGVYLPPEAFTFNIKLSSPVKRPRKEPVDE
DLYPEHYRKYSDYIKGSNLDAPEPYRIGRIKEIFCPKKSNGRPNETDIKIRVNKFYRPENTHKSTPASYHADINLLYWSD
EEAVVDFKAVQGRCTVEYGEDLPECVQVYSMGGPNRFYFLEAYNAKSKSFEDPPNHARSPGNKGKGKGKGKGKPKSQACE
PSEPEIEIKLPKLRTLDVFSGCGGLSEGFHQAGISDTLWAIEMWDPAAQAFRLNNPGSTVFTEDCNILLKLVMAGETTNS
RGQRLPQKGDVEMLCGGPPCQGFSGMNRFNSRTYSKFKNSLVVSFLSYCDYYRPRFFLLENVRNFVSFKRSMVLKLTLRC
LVRMGYQCTFGVLQAGQYGVAQTRRRAIILAAAPGEKLPLFPEPLHVFAPRACQLSVVVDDKKFVSNITRLSSGPFRTIT
VRDTMSDLPEVRNGASALEISYNGEPQSWFQRQLRGAQYQPILRDHICKDMSALVAARMRHIPLAPGSDWRDLPNIEVRL
SDGTMARKLRYTHHDRKNGRSSSGALRGVCSCVEAGKACDPAARQFNTLIPWCLPHTGNRHNHWAGLYGRLEWDGFFSTT
VTNPEPMGKQGRVLHPEQHRVVSVRECARSQGFPDTYRLFGNILDKHRQVGNAVPPPLAKAIGLEIKLCMLAKA
;
A
2 'polydeoxyribonucleotide' (DG)(DA)(DG)(DG)(DC)(5CM)(DG)(DC)(DC)(DT)(DG)(DC) C
3 'polydeoxyribonucleotide' (DG)(DC)(DA)(DG)(DG)(PYO)(DG)(DG)(DC)(DC)(DT)(DC) D
#
loop_
_chem_comp.id
_chem_comp.type
_chem_comp.name
_chem_comp.formula
5CM DNA linking 5-METHYL-2'-DEOXY-CYTIDINE-5'-MONOPHOSPHATE 'C10 H16 N3 O7 P'
DA DNA linking 2'-DEOXYADENOSINE-5'-MONOPHOSPHATE 'C10 H14 N5 O6 P'
DC DNA linking 2'-DEOXYCYTIDINE-5'-MONOPHOSPHATE 'C9 H14 N3 O7 P'
DG DNA linking 2'-DEOXYGUANOSINE-5'-MONOPHOSPHATE 'C10 H14 N5 O7 P'
DT DNA linking THYMIDINE-5'-MONOPHOSPHATE 'C10 H15 N2 O8 P'
EDO non-polymer 1,2-ETHANEDIOL 'C2 H6 O2'
GOL non-polymer GLYCEROL 'C3 H8 O3'
I67 non-polymer N-{[4-({[3,5-dicyano-4-ethyl-6-(4-methyl-1,4-diazepan-1-yl)pyridin-2-yl]sulfanyl}methyl)phenyl]methyl}glycinamide 'C25 H31 N7 O S'
PYO RNA linking 1-(BETA-D-RIBOFURANOSYL)-PYRIMIDIN-2-ONE-5'-PHOSPHATE 'C9 H13 N2 O8 P'
ZN non-polymer 'ZINC ION' 'Zn 2'
#
# COMPACT_ATOMS: atom_id res chain seq x y z
N ARG A 4 50.51 -23.86 13.68
CA ARG A 4 51.18 -22.58 13.45
C ARG A 4 50.19 -21.42 13.54
N ILE A 5 49.32 -21.48 14.54
CA ILE A 5 48.42 -20.38 14.89
C ILE A 5 48.88 -19.87 16.25
N SER A 6 49.44 -18.66 16.28
CA SER A 6 50.14 -18.19 17.46
C SER A 6 49.52 -16.91 17.97
N TRP A 7 49.15 -16.88 19.25
CA TRP A 7 48.60 -15.65 19.81
C TRP A 7 49.71 -14.62 19.99
N VAL A 8 49.36 -13.35 19.85
CA VAL A 8 50.30 -12.25 19.97
C VAL A 8 49.98 -11.53 21.28
N GLY A 9 50.90 -11.60 22.24
CA GLY A 9 50.72 -10.92 23.50
C GLY A 9 49.99 -11.76 24.54
N GLU A 10 49.68 -11.10 25.66
CA GLU A 10 48.94 -11.72 26.74
C GLU A 10 47.43 -11.57 26.52
N ALA A 11 46.66 -12.38 27.22
CA ALA A 11 45.21 -12.36 27.07
C ALA A 11 44.62 -11.06 27.59
N VAL A 12 43.70 -10.47 26.81
CA VAL A 12 43.06 -9.23 27.22
C VAL A 12 42.09 -9.46 28.38
N LYS A 13 41.31 -10.54 28.31
CA LYS A 13 40.35 -10.86 29.36
C LYS A 13 40.13 -12.37 29.40
N THR A 14 39.98 -12.90 30.61
CA THR A 14 39.70 -14.33 30.79
C THR A 14 38.32 -14.47 31.39
N ASP A 15 37.39 -15.05 30.63
CA ASP A 15 36.02 -15.25 31.05
C ASP A 15 35.68 -16.74 30.88
N GLY A 16 35.48 -17.43 32.00
CA GLY A 16 35.12 -18.84 31.93
C GLY A 16 36.17 -19.67 31.22
N LYS A 17 35.73 -20.41 30.20
CA LYS A 17 36.63 -21.22 29.38
C LYS A 17 37.11 -20.48 28.14
N LYS A 18 37.11 -19.15 28.15
CA LYS A 18 37.57 -18.35 27.03
C LYS A 18 38.62 -17.35 27.48
N SER A 19 39.66 -17.18 26.67
CA SER A 19 40.70 -16.18 26.90
C SER A 19 40.83 -15.35 25.64
N TYR A 20 40.39 -14.09 25.71
CA TYR A 20 40.35 -13.24 24.54
C TYR A 20 41.74 -12.66 24.24
N TYR A 21 41.99 -12.41 22.96
CA TYR A 21 43.24 -11.84 22.50
C TYR A 21 42.96 -10.72 21.50
N LYS A 22 43.91 -9.79 21.40
CA LYS A 22 43.77 -8.68 20.47
C LYS A 22 44.43 -8.92 19.12
N LYS A 23 45.29 -9.92 19.01
CA LYS A 23 46.02 -10.16 17.77
C LYS A 23 46.48 -11.61 17.70
N VAL A 24 46.45 -12.18 16.50
CA VAL A 24 46.86 -13.55 16.25
C VAL A 24 47.71 -13.58 14.98
N CYS A 25 48.59 -14.58 14.88
CA CYS A 25 49.45 -14.76 13.73
C CYS A 25 49.09 -16.10 13.08
N ILE A 26 48.73 -16.04 11.80
CA ILE A 26 48.44 -17.21 10.99
C ILE A 26 49.43 -17.19 9.82
N ASP A 27 50.36 -18.15 9.83
CA ASP A 27 51.38 -18.28 8.79
C ASP A 27 52.20 -17.00 8.65
N ALA A 28 52.02 -16.27 7.55
CA ALA A 28 52.77 -15.05 7.32
C ALA A 28 51.97 -13.79 7.64
N GLU A 29 50.76 -13.93 8.16
CA GLU A 29 49.88 -12.78 8.36
C GLU A 29 49.56 -12.61 9.83
N THR A 30 49.24 -11.38 10.21
CA THR A 30 48.75 -11.07 11.55
C THR A 30 47.37 -10.45 11.43
N LEU A 31 46.47 -10.85 12.31
CA LEU A 31 45.09 -10.41 12.34
C LEU A 31 44.79 -9.78 13.70
N GLU A 32 44.05 -8.68 13.68
CA GLU A 32 43.56 -8.07 14.90
C GLU A 32 42.07 -7.81 14.74
N VAL A 33 41.40 -7.60 15.87
CA VAL A 33 39.99 -7.31 15.84
C VAL A 33 39.73 -6.09 14.97
N GLY A 34 38.73 -6.19 14.11
CA GLY A 34 38.38 -5.15 13.18
C GLY A 34 38.85 -5.42 11.77
N ASP A 35 39.79 -6.34 11.59
CA ASP A 35 40.23 -6.75 10.27
C ASP A 35 39.14 -7.52 9.55
N CYS A 36 39.20 -7.51 8.22
CA CYS A 36 38.27 -8.25 7.38
C CYS A 36 38.99 -9.43 6.74
N VAL A 37 38.29 -10.57 6.66
CA VAL A 37 38.86 -11.81 6.16
C VAL A 37 37.89 -12.50 5.22
N SER A 38 38.44 -13.37 4.38
CA SER A 38 37.65 -14.30 3.58
C SER A 38 37.66 -15.66 4.27
N VAL A 39 36.59 -16.40 4.05
CA VAL A 39 36.39 -17.69 4.71
C VAL A 39 35.89 -18.69 3.68
N ILE A 40 36.44 -19.88 3.74
CA ILE A 40 36.19 -20.93 2.75
C ILE A 40 34.79 -21.51 2.97
N PRO A 41 34.01 -21.70 1.92
CA PRO A 41 32.75 -22.44 2.05
C PRO A 41 32.97 -23.92 1.73
N ASP A 42 31.94 -24.71 2.05
CA ASP A 42 31.99 -26.14 1.73
C ASP A 42 31.91 -26.38 0.22
N ASP A 43 31.04 -25.65 -0.46
CA ASP A 43 30.93 -25.76 -1.91
C ASP A 43 32.03 -24.91 -2.55
N SER A 44 33.05 -25.58 -3.10
CA SER A 44 34.15 -24.86 -3.75
C SER A 44 33.66 -24.06 -4.94
N SER A 45 32.55 -24.47 -5.56
CA SER A 45 31.98 -23.70 -6.66
C SER A 45 31.44 -22.35 -6.19
N LYS A 46 30.94 -22.28 -4.95
CA LYS A 46 30.41 -21.05 -4.43
C LYS A 46 31.55 -20.09 -4.08
N PRO A 47 31.30 -18.76 -4.16
CA PRO A 47 32.36 -17.80 -3.86
C PRO A 47 32.80 -17.82 -2.40
N LEU A 48 33.83 -17.04 -2.07
CA LEU A 48 34.28 -16.94 -0.68
C LEU A 48 33.30 -16.13 0.14
N TYR A 49 33.18 -16.49 1.41
CA TYR A 49 32.47 -15.64 2.37
C TYR A 49 33.40 -14.53 2.84
N LEU A 50 32.83 -13.37 3.16
CA LEU A 50 33.61 -12.26 3.68
C LEU A 50 33.05 -11.81 5.02
N ALA A 51 33.94 -11.49 5.96
CA ALA A 51 33.47 -11.12 7.28
C ALA A 51 34.42 -10.14 7.94
N ARG A 52 33.93 -9.44 8.95
CA ARG A 52 34.76 -8.68 9.87
C ARG A 52 35.00 -9.51 11.12
N VAL A 53 36.25 -9.49 11.60
CA VAL A 53 36.60 -10.19 12.84
C VAL A 53 36.26 -9.29 14.01
N THR A 54 35.35 -9.75 14.87
CA THR A 54 34.94 -8.92 15.99
C THR A 54 35.51 -9.38 17.33
N ALA A 55 36.07 -10.57 17.40
CA ALA A 55 36.65 -11.07 18.63
C ALA A 55 37.61 -12.20 18.28
N LEU A 56 38.58 -12.42 19.16
CA LEU A 56 39.58 -13.47 19.03
C LEU A 56 39.78 -14.10 20.39
N TRP A 57 39.55 -15.40 20.52
CA TRP A 57 39.73 -16.03 21.81
C TRP A 57 40.17 -17.47 21.67
N GLU A 58 40.90 -17.94 22.66
CA GLU A 58 41.20 -19.35 22.85
C GLU A 58 40.15 -19.95 23.76
N ASP A 59 39.59 -21.08 23.35
CA ASP A 59 38.56 -21.78 24.10
C ASP A 59 39.10 -23.10 24.63
N SER A 60 38.82 -23.40 25.90
CA SER A 60 39.29 -24.63 26.51
C SER A 60 38.71 -25.87 25.83
N SER A 61 37.59 -25.75 25.14
CA SER A 61 36.95 -26.87 24.48
C SER A 61 36.89 -26.76 22.96
N ASN A 62 37.03 -25.56 22.39
CA ASN A 62 36.90 -25.37 20.96
C ASN A 62 38.19 -24.96 20.26
N GLY A 63 39.26 -24.65 21.00
CA GLY A 63 40.50 -24.23 20.39
C GLY A 63 40.53 -22.76 20.02
N GLN A 64 41.25 -22.42 18.96
CA GLN A 64 41.43 -21.02 18.56
C GLN A 64 40.23 -20.56 17.73
N MET A 65 39.57 -19.48 18.17
CA MET A 65 38.28 -19.10 17.65
C MET A 65 38.23 -17.60 17.36
N PHE A 66 37.32 -17.21 16.47
CA PHE A 66 37.01 -15.82 16.23
C PHE A 66 35.51 -15.69 15.96
N HIS A 67 35.01 -14.47 16.05
CA HIS A 67 33.62 -14.19 15.72
C HIS A 67 33.60 -13.46 14.39
N ALA A 68 32.85 -14.02 13.43
CA ALA A 68 32.75 -13.49 12.08
C ALA A 68 31.43 -12.77 11.94
N HIS A 69 31.50 -11.48 11.61
CA HIS A 69 30.31 -10.68 11.28
C HIS A 69 30.26 -10.62 9.77
N TRP A 70 29.36 -11.40 9.17
CA TRP A 70 29.36 -11.61 7.73
C TRP A 70 28.90 -10.36 6.99
N PHE A 71 29.54 -10.09 5.85
CA PHE A 71 29.03 -9.17 4.85
C PHE A 71 28.09 -9.92 3.91
N CYS A 72 27.16 -9.20 3.31
CA CYS A 72 26.29 -9.76 2.28
C CYS A 72 26.79 -9.29 0.93
N ALA A 73 27.04 -10.22 0.02
CA ALA A 73 27.40 -9.84 -1.34
C ALA A 73 26.21 -9.16 -2.01
N GLY A 74 26.49 -8.15 -2.83
CA GLY A 74 25.42 -7.43 -3.50
C GLY A 74 24.57 -8.34 -4.37
N THR A 75 25.18 -9.36 -4.98
CA THR A 75 24.43 -10.30 -5.81
C THR A 75 23.44 -11.12 -5.01
N ASP A 76 23.65 -11.27 -3.70
CA ASP A 76 22.68 -11.98 -2.87
C ASP A 76 21.51 -11.10 -2.46
N THR A 77 21.59 -9.79 -2.63
CA THR A 77 20.44 -8.94 -2.32
C THR A 77 19.44 -9.01 -3.46
N VAL A 78 18.38 -8.20 -3.33
CA VAL A 78 17.37 -8.10 -4.38
C VAL A 78 17.99 -7.62 -5.70
N LEU A 79 19.12 -6.89 -5.64
CA LEU A 79 19.75 -6.39 -6.86
C LEU A 79 20.25 -7.52 -7.76
N GLY A 80 20.55 -8.67 -7.17
CA GLY A 80 21.07 -9.80 -7.93
C GLY A 80 22.25 -9.43 -8.80
N ALA A 81 22.20 -9.93 -10.04
CA ALA A 81 23.32 -9.74 -10.96
C ALA A 81 23.52 -8.28 -11.38
N THR A 82 22.54 -7.40 -11.12
CA THR A 82 22.79 -5.98 -11.45
C THR A 82 23.76 -5.33 -10.49
N SER A 83 24.04 -5.96 -9.36
CA SER A 83 24.87 -5.31 -8.36
C SER A 83 26.28 -5.05 -8.87
N ASP A 84 26.88 -3.96 -8.39
CA ASP A 84 28.31 -3.77 -8.53
C ASP A 84 29.01 -5.02 -7.99
N PRO A 85 29.88 -5.66 -8.78
CA PRO A 85 30.43 -6.96 -8.36
C PRO A 85 31.26 -6.91 -7.09
N LEU A 86 31.75 -5.74 -6.68
CA LEU A 86 32.56 -5.64 -5.48
C LEU A 86 31.85 -4.93 -4.34
N GLU A 87 30.57 -4.61 -4.49
CA GLU A 87 29.82 -3.97 -3.43
C GLU A 87 29.29 -5.01 -2.46
N LEU A 88 29.49 -4.76 -1.17
CA LEU A 88 28.95 -5.57 -0.09
C LEU A 88 27.95 -4.73 0.69
N PHE A 89 27.12 -5.41 1.46
CA PHE A 89 26.13 -4.75 2.31
C PHE A 89 26.25 -5.29 3.72
N LEU A 90 26.15 -4.39 4.69
CA LEU A 90 26.11 -4.81 6.09
C LEU A 90 24.80 -5.53 6.35
N VAL A 91 24.86 -6.60 7.13
CA VAL A 91 23.68 -7.36 7.54
C VAL A 91 23.92 -7.84 8.97
N ASP A 92 22.82 -8.18 9.64
CA ASP A 92 22.90 -8.71 11.00
C ASP A 92 23.01 -10.23 10.97
N GLU A 93 24.14 -10.70 10.41
CA GLU A 93 24.48 -12.11 10.30
C GLU A 93 25.87 -12.32 10.88
N CYS A 94 26.00 -13.28 11.80
CA CYS A 94 27.28 -13.47 12.46
C CYS A 94 27.31 -14.81 13.16
N GLU A 95 28.52 -15.30 13.43
CA GLU A 95 28.66 -16.57 14.15
C GLU A 95 30.10 -16.77 14.61
N ASP A 96 30.26 -17.65 15.60
CA ASP A 96 31.58 -18.11 16.03
C ASP A 96 32.15 -19.09 15.01
N MET A 97 33.48 -19.07 14.85
CA MET A 97 34.11 -19.93 13.86
C MET A 97 35.56 -20.19 14.26
N GLN A 98 36.06 -21.37 13.89
CA GLN A 98 37.45 -21.72 14.13
C GLN A 98 38.38 -20.90 13.24
N LEU A 99 39.52 -20.47 13.80
CA LEU A 99 40.46 -19.65 13.05
C LEU A 99 40.98 -20.36 11.81
N SER A 100 41.00 -21.70 11.82
CA SER A 100 41.54 -22.44 10.70
C SER A 100 40.70 -22.27 9.44
N TYR A 101 39.48 -21.77 9.55
CA TYR A 101 38.66 -21.54 8.36
C TYR A 101 39.00 -20.25 7.63
N ILE A 102 39.84 -19.39 8.20
CA ILE A 102 40.19 -18.15 7.52
C ILE A 102 41.10 -18.46 6.34
N HIS A 103 40.74 -17.93 5.18
CA HIS A 103 41.55 -18.12 3.98
C HIS A 103 42.56 -16.99 3.81
N SER A 104 42.14 -15.74 3.96
CA SER A 104 43.06 -14.63 3.77
C SER A 104 42.48 -13.37 4.41
N LYS A 105 43.34 -12.38 4.58
CA LYS A 105 42.95 -11.03 4.97
C LYS A 105 42.59 -10.25 3.72
N VAL A 106 41.48 -9.51 3.78
CA VAL A 106 41.00 -8.74 2.63
C VAL A 106 40.76 -7.30 3.04
N LYS A 107 40.93 -6.39 2.09
CA LYS A 107 40.67 -4.97 2.31
C LYS A 107 39.22 -4.67 1.96
N VAL A 108 38.47 -4.12 2.92
CA VAL A 108 37.09 -3.68 2.72
C VAL A 108 36.99 -2.22 3.14
N ILE A 109 36.56 -1.35 2.23
CA ILE A 109 36.51 0.08 2.45
C ILE A 109 35.07 0.51 2.68
N TYR A 110 34.87 1.41 3.64
CA TYR A 110 33.57 2.06 3.83
C TYR A 110 33.53 3.30 2.93
N LYS A 111 32.68 3.27 1.91
CA LYS A 111 32.54 4.39 0.99
C LYS A 111 31.44 5.30 1.53
N ALA A 112 31.84 6.26 2.36
CA ALA A 112 30.89 7.17 2.98
C ALA A 112 30.50 8.30 2.02
N PRO A 113 29.23 8.70 2.00
CA PRO A 113 28.87 9.91 1.25
C PRO A 113 29.58 11.13 1.81
N SER A 114 30.01 12.03 0.92
CA SER A 114 30.72 13.21 1.37
C SER A 114 29.75 14.27 1.87
N GLU A 115 30.30 15.32 2.48
CA GLU A 115 29.48 16.45 2.89
C GLU A 115 28.88 17.18 1.69
N ASN A 116 29.44 16.99 0.50
CA ASN A 116 28.97 17.64 -0.73
C ASN A 116 28.13 16.69 -1.58
N TRP A 117 27.59 15.63 -0.99
CA TRP A 117 26.92 14.57 -1.75
C TRP A 117 25.80 15.12 -2.62
N ALA A 118 25.03 16.09 -2.11
CA ALA A 118 23.89 16.63 -2.83
C ALA A 118 24.27 17.39 -4.08
N MET A 119 25.54 17.76 -4.24
CA MET A 119 25.99 18.44 -5.44
C MET A 119 26.74 17.52 -6.40
N GLU A 120 26.84 16.24 -6.10
CA GLU A 120 27.74 15.35 -6.85
C GLU A 120 27.04 14.56 -7.94
N GLY A 121 25.81 14.94 -8.30
CA GLY A 121 25.07 14.19 -9.30
C GLY A 121 25.36 14.66 -10.72
N GLY A 122 24.87 13.87 -11.67
CA GLY A 122 25.04 14.17 -13.07
C GLY A 122 25.67 13.07 -13.89
N MET A 123 25.69 11.84 -13.38
CA MET A 123 26.21 10.74 -14.20
C MET A 123 25.16 10.31 -15.23
N ASP A 124 25.65 9.87 -16.38
CA ASP A 124 24.79 9.49 -17.48
C ASP A 124 24.07 8.17 -17.17
N PRO A 125 22.99 7.87 -17.91
CA PRO A 125 22.22 6.66 -17.61
C PRO A 125 23.03 5.37 -17.63
N GLU A 126 24.01 5.26 -18.54
CA GLU A 126 24.86 4.08 -18.55
C GLU A 126 25.61 3.95 -17.24
N SER A 127 26.15 5.06 -16.73
CA SER A 127 26.84 4.99 -15.45
C SER A 127 25.89 4.58 -14.32
N LEU A 128 24.68 5.15 -14.31
CA LEU A 128 23.71 4.78 -13.27
C LEU A 128 23.37 3.29 -13.34
N LEU A 129 23.12 2.78 -14.54
CA LEU A 129 22.62 1.42 -14.71
C LEU A 129 23.73 0.36 -14.56
N GLU A 130 24.92 0.63 -15.09
CA GLU A 130 25.95 -0.38 -15.24
C GLU A 130 27.31 0.02 -14.67
N GLY A 131 27.48 1.26 -14.22
CA GLY A 131 28.79 1.69 -13.75
C GLY A 131 29.15 1.07 -12.42
N ASP A 132 30.45 0.84 -12.25
CA ASP A 132 31.02 0.21 -11.07
C ASP A 132 32.00 1.15 -10.39
N ASP A 133 32.23 0.88 -9.10
CA ASP A 133 33.23 1.65 -8.34
C ASP A 133 34.65 1.40 -8.83
N GLY A 134 34.94 0.20 -9.35
CA GLY A 134 36.22 -0.08 -9.98
C GLY A 134 37.43 -0.08 -9.07
N LYS A 135 37.30 -0.65 -7.88
CA LYS A 135 38.30 -0.57 -6.82
C LYS A 135 38.22 -1.89 -6.05
N THR A 136 38.60 -1.88 -4.78
CA THR A 136 38.52 -3.08 -3.95
C THR A 136 37.10 -3.27 -3.41
N TYR A 137 36.94 -4.21 -2.48
CA TYR A 137 35.65 -4.40 -1.82
C TYR A 137 35.27 -3.15 -1.03
N PHE A 138 33.97 -2.85 -1.02
CA PHE A 138 33.49 -1.67 -0.33
C PHE A 138 32.06 -1.91 0.08
N TYR A 139 31.63 -1.17 1.09
CA TYR A 139 30.23 -1.09 1.46
C TYR A 139 29.86 0.36 1.70
N GLN A 140 28.57 0.66 1.54
CA GLN A 140 28.01 1.94 1.93
C GLN A 140 26.72 1.81 2.73
N LEU A 141 25.98 0.71 2.60
CA LEU A 141 24.64 0.58 3.16
C LEU A 141 24.48 -0.74 3.89
N TRP A 142 23.53 -0.76 4.81
CA TRP A 142 23.02 -1.93 5.51
C TRP A 142 21.76 -2.40 4.80
N TYR A 143 21.50 -3.70 4.87
CA TYR A 143 20.44 -4.31 4.08
C TYR A 143 19.55 -5.17 4.96
N ASP A 144 18.25 -5.02 4.79
CA ASP A 144 17.25 -5.88 5.42
C ASP A 144 16.73 -6.81 4.33
N GLN A 145 17.01 -8.11 4.49
CA GLN A 145 16.74 -9.11 3.45
C GLN A 145 15.26 -9.50 3.35
N ASP A 146 14.47 -9.30 4.41
CA ASP A 146 13.06 -9.62 4.32
C ASP A 146 12.21 -8.47 3.78
N TYR A 147 12.62 -7.23 4.04
CA TYR A 147 11.86 -6.06 3.59
C TYR A 147 12.50 -5.38 2.38
N ALA A 148 13.64 -5.87 1.92
CA ALA A 148 14.40 -5.25 0.85
C ALA A 148 14.63 -3.77 1.14
N ARG A 149 15.22 -3.50 2.30
CA ARG A 149 15.52 -2.12 2.66
C ARG A 149 17.02 -1.90 2.66
N PHE A 150 17.48 -0.88 1.94
CA PHE A 150 18.86 -0.40 2.01
C PHE A 150 18.88 0.88 2.83
N GLU A 151 19.59 0.87 3.96
CA GLU A 151 19.61 2.02 4.87
C GLU A 151 21.05 2.38 5.23
N SER A 152 21.23 3.60 5.75
CA SER A 152 22.55 4.00 6.21
C SER A 152 22.98 3.10 7.38
N PRO A 153 24.28 2.84 7.50
CA PRO A 153 24.75 1.87 8.52
C PRO A 153 24.36 2.31 9.92
N PRO A 154 23.99 1.35 10.78
CA PRO A 154 23.58 1.70 12.15
C PRO A 154 24.72 2.32 12.94
N LYS A 155 24.36 3.20 13.87
CA LYS A 155 25.31 3.89 14.73
C LYS A 155 25.36 3.30 16.13
N THR A 156 25.20 1.98 16.25
CA THR A 156 25.22 1.33 17.55
C THR A 156 26.61 1.44 18.18
N GLN A 157 26.64 1.67 19.50
CA GLN A 157 27.90 2.03 20.15
C GLN A 157 28.29 1.03 21.23
N PRO A 158 29.59 0.73 21.39
CA PRO A 158 30.04 -0.20 22.43
C PRO A 158 30.47 0.49 23.72
N THR A 159 30.48 -0.26 24.83
CA THR A 159 30.95 0.23 26.11
C THR A 159 32.37 -0.27 26.40
N GLU A 160 32.87 0.02 27.59
CA GLU A 160 34.17 -0.47 28.02
C GLU A 160 34.12 -1.90 28.51
N ASP A 161 32.92 -2.47 28.67
CA ASP A 161 32.75 -3.88 29.03
C ASP A 161 32.65 -4.78 27.80
N ASN A 162 32.62 -4.22 26.60
CA ASN A 162 32.51 -5.01 25.39
C ASN A 162 33.43 -4.57 24.26
N LYS A 163 34.21 -3.49 24.43
CA LYS A 163 34.90 -2.88 23.31
C LYS A 163 35.85 -3.85 22.62
N PHE A 164 36.52 -4.71 23.39
CA PHE A 164 37.50 -5.63 22.83
C PHE A 164 36.85 -6.75 22.04
N LYS A 165 35.55 -7.00 22.22
CA LYS A 165 34.90 -8.12 21.57
C LYS A 165 33.54 -7.74 21.01
N PHE A 166 33.29 -6.46 20.77
CA PHE A 166 31.94 -6.00 20.47
C PHE A 166 31.53 -6.40 19.07
N CYS A 167 30.40 -7.09 18.96
CA CYS A 167 29.78 -7.39 17.67
C CYS A 167 28.47 -6.61 17.56
N VAL A 168 28.42 -5.66 16.62
CA VAL A 168 27.23 -4.84 16.46
C VAL A 168 26.03 -5.70 16.04
N SER A 169 26.27 -6.73 15.22
CA SER A 169 25.18 -7.63 14.86
C SER A 169 24.62 -8.36 16.08
N CYS A 170 25.51 -8.90 16.93
CA CYS A 170 25.05 -9.52 18.17
C CYS A 170 24.24 -8.53 19.01
N ALA A 171 24.72 -7.29 19.14
CA ALA A 171 24.02 -6.29 19.94
C ALA A 171 22.63 -6.01 19.38
N ARG A 172 22.54 -5.79 18.06
CA ARG A 172 21.26 -5.45 17.45
C ARG A 172 20.29 -6.62 17.53
N LEU A 173 20.77 -7.85 17.34
CA LEU A 173 19.90 -9.01 17.46
C LEU A 173 19.38 -9.14 18.89
N ALA A 174 20.22 -8.87 19.89
CA ALA A 174 19.75 -8.91 21.28
C ALA A 174 18.69 -7.86 21.54
N GLU A 175 18.89 -6.63 21.03
CA GLU A 175 17.84 -5.61 21.14
C GLU A 175 16.55 -6.05 20.48
N MET A 176 16.63 -6.66 19.29
CA MET A 176 15.42 -7.13 18.60
C MET A 176 14.70 -8.18 19.43
N ARG A 177 15.45 -9.15 19.96
CA ARG A 177 14.85 -10.21 20.77
C ARG A 177 14.14 -9.62 21.99
N GLN A 178 14.80 -8.69 22.68
CA GLN A 178 14.16 -8.08 23.85
C GLN A 178 12.91 -7.32 23.47
N LYS A 179 12.96 -6.61 22.32
CA LYS A 179 11.80 -5.86 21.87
C LYS A 179 10.61 -6.78 21.55
N GLU A 180 10.89 -8.01 21.12
CA GLU A 180 9.83 -8.94 20.73
C GLU A 180 9.12 -9.60 21.91
N ILE A 181 9.57 -9.41 23.14
CA ILE A 181 9.07 -10.16 24.29
C ILE A 181 8.26 -9.21 25.18
N PRO A 182 6.97 -9.49 25.40
CA PRO A 182 6.17 -8.62 26.29
C PRO A 182 6.71 -8.60 27.70
N ARG A 183 6.73 -7.42 28.31
CA ARG A 183 7.26 -7.30 29.67
C ARG A 183 6.37 -6.36 30.47
N VAL A 184 6.37 -6.55 31.80
CA VAL A 184 5.73 -5.65 32.74
C VAL A 184 6.81 -4.85 33.45
N LEU A 185 6.55 -3.55 33.65
CA LEU A 185 7.59 -2.64 34.15
C LEU A 185 7.38 -2.22 35.60
N GLU A 186 6.25 -1.58 35.89
CA GLU A 186 6.01 -0.96 37.19
C GLU A 186 5.37 -2.00 38.12
N GLN A 187 4.77 -1.55 39.23
CA GLN A 187 4.06 -2.46 40.13
C GLN A 187 3.13 -1.65 41.01
N LEU A 188 1.82 -1.88 40.90
CA LEU A 188 0.81 -1.05 41.54
C LEU A 188 0.27 -1.63 42.85
N GLU A 189 -0.15 -2.88 42.84
CA GLU A 189 -0.75 -3.48 44.02
C GLU A 189 -0.58 -4.99 43.94
N ASP A 190 -0.79 -5.64 45.08
CA ASP A 190 -0.72 -7.09 45.19
C ASP A 190 -2.07 -7.56 45.75
N LEU A 191 -2.86 -8.24 44.94
CA LEU A 191 -4.18 -8.70 45.36
C LEU A 191 -4.14 -10.17 45.74
N ASP A 192 -5.32 -10.76 45.97
CA ASP A 192 -5.39 -12.11 46.52
C ASP A 192 -4.73 -13.12 45.59
N SER A 193 -5.06 -13.05 44.29
CA SER A 193 -4.57 -14.05 43.35
C SER A 193 -3.81 -13.44 42.16
N ARG A 194 -3.49 -12.15 42.20
CA ARG A 194 -2.79 -11.55 41.07
C ARG A 194 -2.06 -10.30 41.53
N VAL A 195 -1.09 -9.89 40.72
CA VAL A 195 -0.30 -8.69 40.97
C VAL A 195 -0.59 -7.68 39.86
N LEU A 196 -0.96 -6.47 40.26
CA LEU A 196 -1.24 -5.37 39.34
C LEU A 196 0.03 -4.61 39.00
N TYR A 197 0.05 -4.05 37.80
CA TYR A 197 1.18 -3.34 37.23
C TYR A 197 0.68 -2.04 36.59
N TYR A 198 1.51 -1.02 36.61
CA TYR A 198 1.09 0.25 36.04
C TYR A 198 1.35 0.34 34.55
N SER A 199 2.40 -0.31 34.06
CA SER A 199 2.79 -0.22 32.66
C SER A 199 3.31 -1.55 32.18
N ALA A 200 3.28 -1.73 30.86
CA ALA A 200 3.81 -2.91 30.19
C ALA A 200 4.29 -2.49 28.82
N THR A 201 5.24 -3.23 28.27
CA THR A 201 5.78 -2.91 26.96
C THR A 201 5.70 -4.12 26.05
N LYS A 202 5.49 -3.84 24.76
CA LYS A 202 5.39 -4.87 23.74
C LYS A 202 5.70 -4.27 22.37
N ASN A 203 6.63 -4.90 21.64
CA ASN A 203 7.04 -4.45 20.32
C ASN A 203 7.47 -2.99 20.34
N GLY A 204 8.10 -2.57 21.43
CA GLY A 204 8.56 -1.19 21.54
C GLY A 204 7.47 -0.18 21.83
N ILE A 205 6.29 -0.63 22.24
CA ILE A 205 5.17 0.24 22.56
C ILE A 205 4.89 0.12 24.04
N LEU A 206 4.74 1.26 24.71
CA LEU A 206 4.43 1.33 26.13
C LEU A 206 2.91 1.47 26.31
N TYR A 207 2.35 0.64 27.17
CA TYR A 207 0.93 0.64 27.51
C TYR A 207 0.81 0.91 29.00
N ARG A 208 -0.01 1.89 29.37
CA ARG A 208 -0.30 2.19 30.77
C ARG A 208 -1.79 2.02 31.02
N VAL A 209 -2.15 1.91 32.31
CA VAL A 209 -3.55 1.87 32.69
C VAL A 209 -4.25 3.11 32.16
N GLY A 210 -5.41 2.90 31.53
CA GLY A 210 -6.15 3.99 30.91
C GLY A 210 -5.89 4.20 29.42
N ASP A 211 -4.91 3.51 28.82
CA ASP A 211 -4.64 3.66 27.40
C ASP A 211 -5.64 2.87 26.56
N GLY A 212 -5.78 3.25 25.29
CA GLY A 212 -6.59 2.47 24.37
C GLY A 212 -5.77 1.36 23.74
N VAL A 213 -6.37 0.20 23.58
CA VAL A 213 -5.73 -0.94 22.93
C VAL A 213 -6.58 -1.41 21.77
N TYR A 214 -5.91 -1.78 20.67
CA TYR A 214 -6.50 -2.56 19.60
C TYR A 214 -6.43 -4.04 19.92
N LEU A 215 -7.52 -4.75 19.68
CA LEU A 215 -7.60 -6.19 19.88
C LEU A 215 -8.18 -6.86 18.65
N PRO A 216 -7.85 -8.13 18.42
CA PRO A 216 -8.47 -8.84 17.30
C PRO A 216 -9.95 -8.95 17.50
N PRO A 217 -10.72 -9.06 16.41
CA PRO A 217 -12.18 -9.12 16.55
C PRO A 217 -12.67 -10.27 17.41
N GLU A 218 -11.88 -11.34 17.54
CA GLU A 218 -12.22 -12.50 18.35
C GLU A 218 -11.89 -12.32 19.83
N ALA A 219 -11.32 -11.18 20.22
CA ALA A 219 -10.86 -11.01 21.60
C ALA A 219 -12.02 -11.07 22.61
N PHE A 220 -13.15 -10.43 22.28
CA PHE A 220 -14.30 -10.49 23.16
C PHE A 220 -15.57 -10.27 22.33
N THR A 221 -16.70 -10.63 22.93
CA THR A 221 -18.00 -10.34 22.36
C THR A 221 -18.67 -9.22 23.15
N PHE A 222 -19.79 -8.74 22.63
CA PHE A 222 -20.61 -7.74 23.28
C PHE A 222 -21.85 -8.39 23.88
N ASN A 223 -22.45 -7.72 24.86
CA ASN A 223 -23.69 -8.23 25.45
C ASN A 223 -24.81 -8.30 24.42
N ILE A 224 -24.86 -7.35 23.49
CA ILE A 224 -25.69 -7.48 22.30
C ILE A 224 -25.06 -8.57 21.43
N LYS A 225 -25.67 -9.77 21.41
CA LYS A 225 -24.94 -10.92 20.89
C LYS A 225 -24.78 -10.89 19.38
N LEU A 226 -25.88 -11.03 18.66
CA LEU A 226 -25.90 -11.05 17.20
C LEU A 226 -27.33 -11.28 16.76
N SER A 227 -27.54 -11.20 15.44
CA SER A 227 -28.79 -11.63 14.82
C SER A 227 -28.40 -12.48 13.61
N SER A 228 -28.68 -13.78 13.69
CA SER A 228 -28.35 -14.70 12.61
C SER A 228 -29.14 -14.31 11.36
N PRO A 229 -28.48 -13.76 10.34
CA PRO A 229 -29.20 -13.21 9.20
C PRO A 229 -29.86 -14.31 8.36
N VAL A 230 -30.92 -13.92 7.66
CA VAL A 230 -31.55 -14.82 6.68
C VAL A 230 -30.61 -14.92 5.49
N LYS A 231 -29.91 -16.05 5.37
CA LYS A 231 -28.87 -16.18 4.38
C LYS A 231 -29.46 -16.29 2.96
N ARG A 232 -28.64 -15.95 1.98
CA ARG A 232 -29.06 -16.05 0.58
C ARG A 232 -29.26 -17.52 0.19
N PRO A 233 -30.38 -17.86 -0.46
CA PRO A 233 -30.59 -19.26 -0.88
C PRO A 233 -29.61 -19.71 -1.96
N ARG A 234 -29.79 -20.93 -2.45
CA ARG A 234 -28.86 -21.51 -3.41
C ARG A 234 -29.31 -21.27 -4.85
N LYS A 235 -29.41 -19.99 -5.21
CA LYS A 235 -29.60 -19.56 -6.60
C LYS A 235 -30.87 -20.19 -7.20
N GLU A 236 -32.01 -19.75 -6.67
CA GLU A 236 -33.35 -20.17 -7.10
C GLU A 236 -33.47 -20.20 -8.62
N PRO A 237 -34.19 -21.17 -9.19
CA PRO A 237 -34.21 -21.35 -10.65
C PRO A 237 -34.85 -20.18 -11.38
N VAL A 238 -34.40 -19.96 -12.61
CA VAL A 238 -34.89 -18.89 -13.46
C VAL A 238 -35.44 -19.47 -14.75
N ASP A 239 -36.21 -18.65 -15.45
CA ASP A 239 -36.76 -18.99 -16.76
C ASP A 239 -35.62 -19.01 -17.78
N GLU A 240 -35.20 -20.21 -18.20
CA GLU A 240 -34.04 -20.30 -19.08
C GLU A 240 -34.31 -19.80 -20.49
N ASP A 241 -35.57 -19.81 -20.94
CA ASP A 241 -35.88 -19.20 -22.22
C ASP A 241 -35.82 -17.67 -22.13
N LEU A 242 -36.29 -17.10 -21.01
CA LEU A 242 -36.24 -15.65 -20.84
C LEU A 242 -34.83 -15.16 -20.58
N TYR A 243 -34.03 -15.93 -19.84
CA TYR A 243 -32.67 -15.55 -19.44
C TYR A 243 -31.68 -16.61 -19.88
N PRO A 244 -31.40 -16.71 -21.19
CA PRO A 244 -30.62 -17.84 -21.71
C PRO A 244 -29.13 -17.77 -21.43
N GLU A 245 -28.61 -16.67 -20.89
CA GLU A 245 -27.20 -16.60 -20.55
C GLU A 245 -26.95 -16.65 -19.05
N HIS A 246 -28.02 -16.75 -18.25
CA HIS A 246 -27.87 -16.83 -16.80
C HIS A 246 -27.05 -18.06 -16.40
N TYR A 247 -27.08 -19.12 -17.19
CA TYR A 247 -26.31 -20.32 -16.86
C TYR A 247 -24.81 -20.03 -16.77
N ARG A 248 -24.34 -18.99 -17.45
CA ARG A 248 -22.92 -18.67 -17.35
C ARG A 248 -22.52 -18.11 -15.99
N LYS A 249 -23.46 -17.93 -15.07
CA LYS A 249 -23.15 -17.41 -13.74
C LYS A 249 -22.96 -18.51 -12.70
N TYR A 250 -22.45 -19.68 -13.11
CA TYR A 250 -22.33 -20.80 -12.18
C TYR A 250 -21.31 -20.55 -11.07
N SER A 251 -20.45 -19.55 -11.20
CA SER A 251 -19.53 -19.20 -10.12
C SER A 251 -20.25 -18.39 -9.04
N ASP A 252 -19.94 -18.69 -7.78
CA ASP A 252 -20.55 -18.03 -6.64
C ASP A 252 -19.77 -16.81 -6.18
N TYR A 253 -18.85 -16.31 -7.00
CA TYR A 253 -17.99 -15.18 -6.65
C TYR A 253 -18.52 -13.91 -7.29
N ILE A 254 -18.68 -12.86 -6.49
CA ILE A 254 -19.22 -11.58 -6.94
C ILE A 254 -18.08 -10.56 -6.92
N LYS A 255 -17.81 -9.96 -8.08
CA LYS A 255 -16.79 -8.93 -8.17
C LYS A 255 -17.17 -7.73 -7.30
N GLY A 256 -16.19 -7.22 -6.56
CA GLY A 256 -16.41 -6.01 -5.77
C GLY A 256 -17.24 -6.19 -4.51
N SER A 257 -17.40 -7.41 -4.01
CA SER A 257 -18.23 -7.67 -2.84
C SER A 257 -17.41 -7.60 -1.56
N ASN A 258 -18.01 -7.02 -0.52
CA ASN A 258 -17.38 -6.93 0.79
C ASN A 258 -17.85 -8.02 1.75
N LEU A 259 -18.34 -9.14 1.20
CA LEU A 259 -18.82 -10.22 2.05
C LEU A 259 -17.70 -10.88 2.85
N ASP A 260 -16.46 -10.83 2.35
CA ASP A 260 -15.32 -11.47 3.00
C ASP A 260 -14.37 -10.49 3.70
N ALA A 261 -14.68 -9.21 3.73
CA ALA A 261 -13.84 -8.28 4.48
C ALA A 261 -13.92 -8.61 5.97
N PRO A 262 -12.80 -8.66 6.68
CA PRO A 262 -12.84 -8.95 8.12
C PRO A 262 -13.45 -7.79 8.90
N GLU A 263 -13.78 -8.08 10.16
CA GLU A 263 -14.17 -7.04 11.09
C GLU A 263 -12.97 -6.19 11.49
N PRO A 264 -13.17 -4.89 11.71
CA PRO A 264 -12.11 -4.07 12.28
C PRO A 264 -11.86 -4.45 13.74
N TYR A 265 -10.80 -3.88 14.29
CA TYR A 265 -10.33 -4.19 15.64
C TYR A 265 -11.42 -3.96 16.69
N ARG A 266 -11.47 -4.84 17.69
CA ARG A 266 -12.07 -4.46 18.97
C ARG A 266 -11.22 -3.36 19.59
N ILE A 267 -11.87 -2.46 20.31
CA ILE A 267 -11.15 -1.37 20.97
C ILE A 267 -11.49 -1.38 22.45
N GLY A 268 -10.47 -1.36 23.31
CA GLY A 268 -10.68 -1.38 24.73
C GLY A 268 -9.86 -0.30 25.43
N ARG A 269 -10.27 0.02 26.65
CA ARG A 269 -9.48 0.89 27.52
C ARG A 269 -8.92 0.06 28.66
N ILE A 270 -7.60 0.08 28.83
CA ILE A 270 -6.95 -0.74 29.84
C ILE A 270 -7.42 -0.30 31.23
N LYS A 271 -8.07 -1.20 31.95
CA LYS A 271 -8.44 -0.98 33.34
C LYS A 271 -7.41 -1.54 34.32
N GLU A 272 -6.89 -2.74 34.04
CA GLU A 272 -5.86 -3.37 34.85
C GLU A 272 -4.85 -4.07 33.94
N ILE A 273 -3.60 -4.07 34.39
CA ILE A 273 -2.53 -4.92 33.83
C ILE A 273 -2.08 -5.81 34.97
N PHE A 274 -2.11 -7.13 34.78
CA PHE A 274 -1.84 -7.97 35.93
C PHE A 274 -1.25 -9.31 35.51
N CYS A 275 -0.58 -9.93 36.47
CA CYS A 275 0.00 -11.27 36.34
C CYS A 275 -0.57 -12.18 37.43
N PRO A 276 -0.92 -13.41 37.10
CA PRO A 276 -1.30 -14.37 38.13
C PRO A 276 -0.13 -14.65 39.05
N LYS A 277 -0.44 -14.91 40.32
CA LYS A 277 0.58 -15.23 41.31
C LYS A 277 0.95 -16.70 41.25
N LYS A 278 2.22 -16.99 41.48
CA LYS A 278 2.66 -18.37 41.66
C LYS A 278 2.23 -18.86 43.03
N SER A 279 2.57 -20.12 43.33
CA SER A 279 2.19 -20.70 44.60
C SER A 279 2.88 -19.99 45.77
N ASN A 280 4.07 -19.45 45.54
CA ASN A 280 4.81 -18.77 46.59
C ASN A 280 4.50 -17.28 46.69
N GLY A 281 3.54 -16.78 45.90
CA GLY A 281 3.13 -15.40 45.94
C GLY A 281 3.76 -14.52 44.90
N ARG A 282 4.88 -14.93 44.31
CA ARG A 282 5.53 -14.14 43.29
C ARG A 282 4.67 -14.11 42.02
N PRO A 283 4.71 -13.03 41.27
CA PRO A 283 3.95 -12.98 40.02
C PRO A 283 4.62 -13.82 38.94
N ASN A 284 3.81 -14.50 38.15
CA ASN A 284 4.29 -15.20 36.95
C ASN A 284 4.30 -14.20 35.81
N GLU A 285 5.45 -13.56 35.60
CA GLU A 285 5.56 -12.48 34.64
C GLU A 285 5.70 -12.98 33.20
N THR A 286 5.68 -14.29 32.96
CA THR A 286 5.58 -14.82 31.62
C THR A 286 4.14 -14.88 31.12
N ASP A 287 3.17 -14.54 31.98
CA ASP A 287 1.73 -14.64 31.68
C ASP A 287 1.06 -13.31 32.00
N ILE A 288 1.02 -12.40 31.03
CA ILE A 288 0.55 -11.03 31.25
C ILE A 288 -0.87 -10.90 30.71
N LYS A 289 -1.77 -10.41 31.55
CA LYS A 289 -3.18 -10.20 31.20
C LYS A 289 -3.50 -8.72 31.28
N ILE A 290 -4.55 -8.31 30.57
CA ILE A 290 -5.13 -6.98 30.74
C ILE A 290 -6.64 -7.12 30.89
N ARG A 291 -7.21 -6.31 31.78
CA ARG A 291 -8.65 -6.13 31.88
C ARG A 291 -9.02 -4.81 31.22
N VAL A 292 -9.96 -4.85 30.28
CA VAL A 292 -10.34 -3.67 29.51
C VAL A 292 -11.83 -3.42 29.66
N ASN A 293 -12.21 -2.16 29.51
CA ASN A 293 -13.60 -1.79 29.25
C ASN A 293 -13.83 -1.84 27.75
N LYS A 294 -14.93 -2.46 27.35
CA LYS A 294 -15.27 -2.57 25.93
C LYS A 294 -15.83 -1.25 25.41
N PHE A 295 -15.30 -0.80 24.29
CA PHE A 295 -15.94 0.25 23.52
C PHE A 295 -16.83 -0.38 22.46
N TYR A 296 -18.03 0.19 22.28
CA TYR A 296 -18.90 -0.18 21.16
C TYR A 296 -18.61 0.74 19.98
N ARG A 297 -18.44 0.14 18.80
CA ARG A 297 -18.69 0.88 17.56
C ARG A 297 -20.18 0.99 17.34
N PRO A 298 -20.65 2.00 16.59
CA PRO A 298 -22.11 2.12 16.37
C PRO A 298 -22.74 0.86 15.79
N GLU A 299 -22.04 0.22 14.85
CA GLU A 299 -22.55 -1.01 14.24
C GLU A 299 -22.52 -2.21 15.19
N ASN A 300 -21.87 -2.08 16.36
CA ASN A 300 -21.95 -3.13 17.37
C ASN A 300 -23.18 -2.99 18.27
N THR A 301 -23.87 -1.84 18.25
CA THR A 301 -25.05 -1.73 19.11
C THR A 301 -26.22 -2.49 18.48
N HIS A 302 -27.37 -2.46 19.16
CA HIS A 302 -28.56 -3.12 18.61
C HIS A 302 -28.98 -2.51 17.28
N LYS A 303 -28.52 -1.30 16.96
CA LYS A 303 -28.86 -0.68 15.68
C LYS A 303 -28.12 -1.30 14.51
N SER A 304 -27.03 -2.02 14.78
CA SER A 304 -26.33 -2.84 13.78
C SER A 304 -25.76 -2.02 12.64
N THR A 305 -25.54 -2.68 11.50
CA THR A 305 -24.79 -2.07 10.40
C THR A 305 -25.31 -0.71 9.94
N PRO A 306 -26.61 -0.46 9.79
CA PRO A 306 -27.05 0.87 9.33
C PRO A 306 -26.59 2.01 10.23
N ALA A 307 -26.34 1.75 11.52
CA ALA A 307 -25.81 2.79 12.38
C ALA A 307 -24.47 3.33 11.90
N SER A 308 -23.72 2.53 11.13
CA SER A 308 -22.43 2.98 10.62
C SER A 308 -22.56 3.97 9.48
N TYR A 309 -23.74 4.10 8.85
CA TYR A 309 -23.80 4.86 7.60
C TYR A 309 -23.50 6.34 7.82
N HIS A 310 -24.11 6.95 8.83
CA HIS A 310 -23.94 8.38 9.06
C HIS A 310 -22.84 8.71 10.07
N ALA A 311 -22.32 7.73 10.80
CA ALA A 311 -21.46 8.04 11.93
C ALA A 311 -20.04 8.34 11.48
N ASP A 312 -19.37 9.24 12.22
CA ASP A 312 -17.94 9.42 12.04
C ASP A 312 -17.24 8.07 12.12
N ILE A 313 -16.23 7.87 11.27
CA ILE A 313 -15.60 6.55 11.24
CA ILE A 313 -15.53 6.59 11.21
C ILE A 313 -14.82 6.26 12.52
N ASN A 314 -14.50 7.28 13.32
CA ASN A 314 -13.78 7.07 14.57
C ASN A 314 -14.66 7.35 15.78
N LEU A 315 -15.98 7.32 15.63
CA LEU A 315 -16.87 7.45 16.77
C LEU A 315 -17.05 6.11 17.46
N LEU A 316 -16.97 6.11 18.78
CA LEU A 316 -17.22 4.95 19.63
C LEU A 316 -18.25 5.30 20.69
N TYR A 317 -18.69 4.28 21.43
CA TYR A 317 -19.53 4.45 22.60
C TYR A 317 -18.87 3.78 23.80
N TRP A 318 -18.76 4.53 24.90
CA TRP A 318 -18.28 3.92 26.14
C TRP A 318 -19.26 2.87 26.62
N SER A 319 -18.75 1.86 27.31
CA SER A 319 -19.63 0.98 28.08
C SER A 319 -18.92 0.54 29.35
N ASP A 320 -19.69 -0.01 30.28
CA ASP A 320 -19.15 -0.57 31.51
C ASP A 320 -18.85 -2.06 31.42
N GLU A 321 -19.14 -2.69 30.29
CA GLU A 321 -18.76 -4.09 30.10
C GLU A 321 -17.25 -4.24 30.14
N GLU A 322 -16.79 -5.34 30.71
CA GLU A 322 -15.36 -5.60 30.88
C GLU A 322 -14.98 -6.95 30.29
N ALA A 323 -13.72 -7.05 29.85
CA ALA A 323 -13.18 -8.30 29.32
C ALA A 323 -11.74 -8.45 29.77
N VAL A 324 -11.33 -9.70 30.00
CA VAL A 324 -9.94 -10.03 30.32
C VAL A 324 -9.33 -10.72 29.10
N VAL A 325 -8.20 -10.21 28.63
CA VAL A 325 -7.52 -10.79 27.47
C VAL A 325 -6.03 -10.90 27.74
N ASP A 326 -5.39 -11.81 27.02
CA ASP A 326 -3.93 -11.91 27.07
C ASP A 326 -3.29 -10.67 26.48
N PHE A 327 -2.25 -10.18 27.16
CA PHE A 327 -1.51 -9.03 26.66
C PHE A 327 -0.90 -9.30 25.29
N LYS A 328 -0.52 -10.55 25.02
CA LYS A 328 0.04 -10.89 23.72
C LYS A 328 -0.95 -10.67 22.58
N ALA A 329 -2.24 -10.55 22.88
CA ALA A 329 -3.23 -10.32 21.83
C ALA A 329 -3.30 -8.87 21.39
N VAL A 330 -2.69 -7.93 22.13
CA VAL A 330 -2.77 -6.51 21.78
C VAL A 330 -2.13 -6.29 20.42
N GLN A 331 -2.83 -5.56 19.56
CA GLN A 331 -2.36 -5.32 18.20
C GLN A 331 -1.74 -3.94 18.03
N GLY A 332 -1.75 -3.13 19.06
CA GLY A 332 -1.26 -1.76 18.99
C GLY A 332 -2.01 -0.89 19.97
N ARG A 333 -1.51 0.33 20.14
CA ARG A 333 -2.10 1.28 21.06
C ARG A 333 -2.93 2.30 20.27
N CYS A 334 -3.98 2.81 20.91
CA CYS A 334 -4.80 3.86 20.31
C CYS A 334 -5.22 4.85 21.39
N THR A 335 -5.62 6.02 20.92
CA THR A 335 -6.06 7.13 21.77
C THR A 335 -7.57 7.23 21.69
N VAL A 336 -8.23 7.09 22.83
CA VAL A 336 -9.69 7.21 22.91
C VAL A 336 -10.01 8.28 23.94
N GLU A 337 -10.74 9.33 23.53
CA GLU A 337 -10.98 10.49 24.37
C GLU A 337 -12.47 10.80 24.43
N TYR A 338 -12.92 11.23 25.60
CA TYR A 338 -14.26 11.79 25.75
C TYR A 338 -14.32 13.14 25.05
N GLY A 339 -15.27 13.29 24.13
CA GLY A 339 -15.25 14.42 23.23
C GLY A 339 -15.43 15.76 23.91
N GLU A 340 -16.27 15.80 24.95
CA GLU A 340 -16.62 17.08 25.56
C GLU A 340 -15.46 17.67 26.35
N ASP A 341 -14.46 16.88 26.70
CA ASP A 341 -13.31 17.37 27.46
C ASP A 341 -12.14 17.75 26.57
N LEU A 342 -12.26 17.62 25.25
CA LEU A 342 -11.18 18.01 24.37
C LEU A 342 -11.02 19.53 24.37
N PRO A 343 -9.79 20.04 24.36
CA PRO A 343 -9.56 21.48 24.20
C PRO A 343 -9.76 21.97 22.78
N GLU A 344 -10.25 21.12 21.89
CA GLU A 344 -10.38 21.41 20.48
C GLU A 344 -11.62 20.69 19.98
N CYS A 345 -12.11 21.10 18.82
CA CYS A 345 -13.26 20.42 18.27
C CYS A 345 -12.86 19.01 17.81
N VAL A 346 -13.88 18.18 17.64
CA VAL A 346 -13.65 16.77 17.30
C VAL A 346 -12.92 16.65 15.97
N GLN A 347 -13.27 17.49 14.99
CA GLN A 347 -12.62 17.37 13.68
C GLN A 347 -11.12 17.70 13.77
N VAL A 348 -10.77 18.77 14.48
CA VAL A 348 -9.35 19.11 14.64
C VAL A 348 -8.62 17.97 15.35
N TYR A 349 -9.23 17.43 16.41
CA TYR A 349 -8.62 16.29 17.11
C TYR A 349 -8.44 15.10 16.17
N SER A 350 -9.46 14.78 15.36
CA SER A 350 -9.43 13.60 14.52
C SER A 350 -8.42 13.73 13.40
N MET A 351 -8.18 14.94 12.91
CA MET A 351 -7.20 15.18 11.86
C MET A 351 -5.79 15.40 12.41
N GLY A 352 -5.64 15.52 13.72
CA GLY A 352 -4.34 15.84 14.29
C GLY A 352 -3.38 14.70 14.57
N GLY A 353 -3.78 13.44 14.38
CA GLY A 353 -2.90 12.34 14.68
C GLY A 353 -3.51 11.00 14.36
N PRO A 354 -2.67 9.96 14.38
CA PRO A 354 -3.13 8.61 14.02
C PRO A 354 -3.75 7.87 15.21
N ASN A 355 -4.60 6.89 14.87
CA ASN A 355 -5.20 5.99 15.85
C ASN A 355 -6.05 6.73 16.88
N ARG A 356 -6.77 7.77 16.43
CA ARG A 356 -7.55 8.60 17.34
C ARG A 356 -9.04 8.28 17.22
N PHE A 357 -9.66 7.96 18.34
CA PHE A 357 -11.09 7.75 18.46
C PHE A 357 -11.66 8.68 19.51
N TYR A 358 -12.98 8.87 19.49
CA TYR A 358 -13.64 9.66 20.51
C TYR A 358 -15.02 9.08 20.79
N PHE A 359 -15.55 9.41 21.97
CA PHE A 359 -16.92 9.07 22.34
C PHE A 359 -17.58 10.27 23.00
N LEU A 360 -18.89 10.38 22.77
CA LEU A 360 -19.70 11.40 23.45
C LEU A 360 -20.71 10.80 24.41
N GLU A 361 -21.09 9.54 24.23
CA GLU A 361 -22.10 8.90 25.06
C GLU A 361 -21.61 7.51 25.45
N ALA A 362 -22.29 6.94 26.45
CA ALA A 362 -22.12 5.55 26.82
C ALA A 362 -23.32 4.75 26.31
N TYR A 363 -23.09 3.48 26.03
CA TYR A 363 -24.14 2.58 25.55
C TYR A 363 -24.45 1.54 26.61
N ASN A 364 -25.73 1.41 26.93
CA ASN A 364 -26.23 0.46 27.92
C ASN A 364 -26.91 -0.66 27.15
N ALA A 365 -26.23 -1.81 27.04
CA ALA A 365 -26.75 -2.92 26.26
C ALA A 365 -28.02 -3.48 26.87
N LYS A 366 -28.10 -3.52 28.20
CA LYS A 366 -29.28 -4.08 28.85
C LYS A 366 -30.53 -3.28 28.50
N SER A 367 -30.42 -1.96 28.54
CA SER A 367 -31.54 -1.07 28.25
C SER A 367 -31.63 -0.66 26.79
N LYS A 368 -30.63 -1.03 25.97
CA LYS A 368 -30.56 -0.63 24.57
C LYS A 368 -30.79 0.87 24.42
N SER A 369 -30.06 1.64 25.23
CA SER A 369 -30.22 3.09 25.27
C SER A 369 -28.85 3.73 25.46
N PHE A 370 -28.81 5.04 25.26
CA PHE A 370 -27.57 5.82 25.34
C PHE A 370 -27.63 6.78 26.52
N GLU A 371 -26.49 6.96 27.18
CA GLU A 371 -26.41 7.75 28.40
C GLU A 371 -25.15 8.59 28.38
N ASP A 372 -25.14 9.62 29.20
CA ASP A 372 -23.91 10.36 29.43
C ASP A 372 -22.86 9.44 30.04
N PRO A 373 -21.59 9.54 29.61
CA PRO A 373 -20.57 8.67 30.18
C PRO A 373 -20.38 8.94 31.65
N PRO A 374 -19.98 7.94 32.43
CA PRO A 374 -19.67 8.17 33.84
C PRO A 374 -18.37 8.95 34.01
N ASN A 375 -18.24 9.56 35.20
CA ASN A 375 -17.07 10.39 35.49
C ASN A 375 -15.76 9.60 35.35
N HIS A 376 -15.77 8.32 35.76
CA HIS A 376 -14.53 7.56 35.68
C HIS A 376 -14.12 7.25 34.25
N ALA A 377 -14.94 7.61 33.25
CA ALA A 377 -14.52 7.51 31.86
C ALA A 377 -13.80 8.75 31.34
N ARG A 378 -13.60 9.76 32.19
CA ARG A 378 -13.11 11.07 31.75
C ARG A 378 -11.61 11.25 31.96
N SER A 379 -11.13 11.09 33.19
CA SER A 379 -9.75 11.43 33.58
C SER A 379 -9.43 12.91 33.31
N LYS A 409 4.94 25.85 11.73
CA LYS A 409 5.45 24.60 12.29
C LYS A 409 6.60 24.06 11.44
N LEU A 410 6.52 22.77 11.11
CA LEU A 410 7.55 22.13 10.30
C LEU A 410 7.49 22.63 8.86
N PRO A 411 8.56 23.22 8.33
CA PRO A 411 8.51 23.75 6.97
C PRO A 411 8.24 22.66 5.93
N LYS A 412 7.45 23.02 4.92
CA LYS A 412 7.11 22.09 3.85
C LYS A 412 8.27 21.94 2.86
N LEU A 413 8.37 20.77 2.25
CA LEU A 413 9.42 20.52 1.27
C LEU A 413 9.02 21.06 -0.10
N ARG A 414 9.95 21.76 -0.74
CA ARG A 414 9.74 22.17 -2.13
C ARG A 414 9.79 20.93 -3.03
N THR A 415 8.69 20.68 -3.73
CA THR A 415 8.47 19.41 -4.39
C THR A 415 8.32 19.58 -5.89
N LEU A 416 8.95 18.69 -6.64
CA LEU A 416 8.78 18.59 -8.09
C LEU A 416 8.06 17.27 -8.39
N ASP A 417 6.93 17.39 -9.08
CA ASP A 417 6.03 16.28 -9.42
C ASP A 417 6.12 16.04 -10.92
N VAL A 418 6.76 14.93 -11.31
CA VAL A 418 6.98 14.59 -12.72
C VAL A 418 5.90 13.61 -13.16
N PHE A 419 5.30 13.88 -14.33
CA PHE A 419 4.14 13.14 -14.80
C PHE A 419 3.01 13.27 -13.78
N SER A 420 2.67 14.53 -13.47
CA SER A 420 1.78 14.81 -12.35
C SER A 420 0.34 14.45 -12.65
N GLY A 421 -0.06 14.46 -13.92
CA GLY A 421 -1.49 14.35 -14.12
C GLY A 421 -2.19 15.60 -13.58
N CYS A 422 -3.46 15.44 -13.20
CA CYS A 422 -4.19 16.58 -12.65
C CYS A 422 -3.79 16.89 -11.21
N GLY A 423 -3.04 15.99 -10.57
CA GLY A 423 -2.39 16.30 -9.29
C GLY A 423 -2.80 15.51 -8.07
N GLY A 424 -3.25 14.26 -8.21
CA GLY A 424 -3.73 13.51 -7.05
C GLY A 424 -2.64 13.25 -6.03
N LEU A 425 -1.46 12.84 -6.49
CA LEU A 425 -0.35 12.58 -5.60
C LEU A 425 0.07 13.85 -4.86
N SER A 426 0.18 14.97 -5.59
CA SER A 426 0.53 16.25 -4.98
C SER A 426 -0.54 16.68 -3.98
N GLU A 427 -1.81 16.45 -4.30
CA GLU A 427 -2.87 16.84 -3.38
C GLU A 427 -2.78 16.06 -2.06
N GLY A 428 -2.56 14.75 -2.14
CA GLY A 428 -2.40 13.96 -0.93
C GLY A 428 -1.18 14.36 -0.12
N PHE A 429 -0.04 14.59 -0.79
CA PHE A 429 1.14 15.06 -0.08
C PHE A 429 0.88 16.39 0.58
N HIS A 430 0.16 17.29 -0.09
CA HIS A 430 -0.15 18.57 0.53
C HIS A 430 -1.02 18.38 1.76
N GLN A 431 -2.03 17.51 1.67
CA GLN A 431 -2.86 17.22 2.84
C GLN A 431 -2.04 16.68 3.99
N ALA A 432 -1.02 15.88 3.70
CA ALA A 432 -0.17 15.37 4.76
C ALA A 432 0.66 16.47 5.42
N GLY A 433 0.75 17.64 4.80
CA GLY A 433 1.48 18.74 5.39
C GLY A 433 2.98 18.72 5.16
N ILE A 434 3.46 17.91 4.22
CA ILE A 434 4.90 17.78 4.02
C ILE A 434 5.44 18.57 2.83
N SER A 435 4.60 18.97 1.88
CA SER A 435 5.13 19.46 0.62
C SER A 435 4.35 20.66 0.10
N ASP A 436 5.07 21.52 -0.63
CA ASP A 436 4.50 22.49 -1.56
C ASP A 436 5.03 22.15 -2.96
N THR A 437 4.15 21.73 -3.85
CA THR A 437 4.57 21.37 -5.19
C THR A 437 4.76 22.66 -5.98
N LEU A 438 6.01 23.12 -6.06
CA LEU A 438 6.30 24.34 -6.80
C LEU A 438 6.48 24.11 -8.30
N TRP A 439 6.80 22.89 -8.71
CA TRP A 439 7.03 22.58 -10.11
C TRP A 439 6.34 21.27 -10.45
N ALA A 440 5.74 21.21 -11.63
CA ALA A 440 5.13 19.99 -12.11
C ALA A 440 5.41 19.87 -13.60
N ILE A 441 5.50 18.64 -14.07
CA ILE A 441 5.74 18.36 -15.47
C ILE A 441 4.60 17.47 -15.96
N GLU A 442 3.85 17.94 -16.95
CA GLU A 442 2.70 17.20 -17.45
C GLU A 442 2.53 17.52 -18.92
N MET A 443 2.73 16.51 -19.77
CA MET A 443 2.71 16.75 -21.20
C MET A 443 1.31 16.79 -21.80
N TRP A 444 0.31 16.22 -21.13
CA TRP A 444 -1.06 16.23 -21.65
C TRP A 444 -1.79 17.47 -21.15
N ASP A 445 -2.15 18.35 -22.08
CA ASP A 445 -2.54 19.71 -21.71
C ASP A 445 -3.78 19.82 -20.82
N PRO A 446 -4.87 19.08 -21.04
CA PRO A 446 -6.00 19.19 -20.10
C PRO A 446 -5.62 18.87 -18.67
N ALA A 447 -4.79 17.84 -18.46
CA ALA A 447 -4.32 17.54 -17.12
C ALA A 447 -3.45 18.68 -16.58
N ALA A 448 -2.59 19.23 -17.42
CA ALA A 448 -1.73 20.33 -16.95
C ALA A 448 -2.58 21.54 -16.53
N GLN A 449 -3.62 21.84 -17.30
CA GLN A 449 -4.53 22.94 -16.94
C GLN A 449 -5.26 22.66 -15.64
N ALA A 450 -5.69 21.41 -15.44
CA ALA A 450 -6.33 21.07 -14.17
C ALA A 450 -5.36 21.28 -13.00
N PHE A 451 -4.11 20.83 -13.17
CA PHE A 451 -3.12 21.02 -12.12
C PHE A 451 -2.96 22.50 -11.80
N ARG A 452 -2.89 23.33 -12.84
CA ARG A 452 -2.80 24.78 -12.62
C ARG A 452 -4.02 25.31 -11.86
N LEU A 453 -5.22 24.86 -12.24
CA LEU A 453 -6.42 25.39 -11.58
C LEU A 453 -6.40 25.09 -10.09
N ASN A 454 -5.86 23.95 -9.70
CA ASN A 454 -5.81 23.62 -8.29
C ASN A 454 -4.56 24.12 -7.57
N ASN A 455 -3.53 24.55 -8.29
CA ASN A 455 -2.26 24.95 -7.68
C ASN A 455 -1.79 26.25 -8.31
N PRO A 456 -2.43 27.38 -7.96
CA PRO A 456 -2.09 28.65 -8.63
C PRO A 456 -0.63 29.07 -8.45
N GLY A 457 0.04 28.63 -7.38
CA GLY A 457 1.42 29.02 -7.19
C GLY A 457 2.45 28.15 -7.88
N SER A 458 2.04 27.08 -8.55
CA SER A 458 3.02 26.17 -9.11
C SER A 458 3.35 26.54 -10.55
N THR A 459 4.53 26.11 -10.98
CA THR A 459 4.99 26.26 -12.35
C THR A 459 4.83 24.91 -13.05
N VAL A 460 3.98 24.88 -14.07
CA VAL A 460 3.64 23.62 -14.75
C VAL A 460 4.28 23.63 -16.12
N PHE A 461 5.20 22.69 -16.33
CA PHE A 461 5.91 22.55 -17.60
C PHE A 461 5.21 21.50 -18.45
N THR A 462 4.96 21.80 -19.71
CA THR A 462 4.37 20.82 -20.60
C THR A 462 5.39 20.15 -21.51
N GLU A 463 6.65 20.57 -21.46
CA GLU A 463 7.67 20.00 -22.33
C GLU A 463 8.05 18.58 -21.93
N ASP A 464 8.67 17.88 -22.88
CA ASP A 464 9.38 16.64 -22.62
C ASP A 464 10.40 16.84 -21.49
N CYS A 465 10.30 15.97 -20.48
CA CYS A 465 11.18 16.08 -19.32
C CYS A 465 12.65 15.96 -19.70
N ASN A 466 12.95 15.19 -20.76
CA ASN A 466 14.33 15.11 -21.25
C ASN A 466 14.83 16.46 -21.74
N ILE A 467 13.98 17.19 -22.48
CA ILE A 467 14.34 18.51 -22.95
C ILE A 467 14.60 19.44 -21.77
N LEU A 468 13.70 19.42 -20.78
CA LEU A 468 13.86 20.31 -19.63
C LEU A 468 15.17 20.03 -18.89
N LEU A 469 15.44 18.76 -18.62
CA LEU A 469 16.67 18.42 -17.91
C LEU A 469 17.89 18.81 -18.71
N LYS A 470 17.88 18.58 -20.03
CA LYS A 470 19.02 18.99 -20.84
C LYS A 470 19.24 20.49 -20.76
N LEU A 471 18.15 21.27 -20.77
CA LEU A 471 18.29 22.72 -20.68
C LEU A 471 18.93 23.10 -19.35
N VAL A 472 18.44 22.52 -18.26
CA VAL A 472 19.00 22.81 -16.94
C VAL A 472 20.48 22.48 -16.91
N MET A 473 20.85 21.30 -17.41
CA MET A 473 22.26 20.89 -17.40
C MET A 473 23.13 21.77 -18.27
N ALA A 474 22.56 22.41 -19.29
CA ALA A 474 23.32 23.36 -20.11
C ALA A 474 23.39 24.75 -19.47
N GLY A 475 22.82 24.95 -18.29
CA GLY A 475 22.90 26.22 -17.63
C GLY A 475 21.81 27.21 -17.97
N GLU A 476 20.70 26.75 -18.55
CA GLU A 476 19.58 27.65 -18.81
C GLU A 476 18.84 27.94 -17.52
N THR A 477 18.27 29.14 -17.43
CA THR A 477 17.51 29.50 -16.24
C THR A 477 16.01 29.49 -16.47
N THR A 478 15.55 29.75 -17.70
CA THR A 478 14.14 29.76 -18.03
C THR A 478 13.90 28.95 -19.29
N ASN A 479 12.71 28.34 -19.39
CA ASN A 479 12.34 27.60 -20.58
C ASN A 479 11.80 28.56 -21.64
N SER A 480 11.26 28.03 -22.73
CA SER A 480 10.83 28.87 -23.83
C SER A 480 9.51 29.61 -23.56
N ARG A 481 8.87 29.36 -22.42
CA ARG A 481 7.71 30.14 -22.00
C ARG A 481 8.06 31.24 -21.00
N GLY A 482 9.33 31.38 -20.64
CA GLY A 482 9.68 32.29 -19.57
C GLY A 482 9.48 31.75 -18.17
N GLN A 483 9.24 30.45 -18.01
CA GLN A 483 9.12 29.84 -16.68
C GLN A 483 10.49 29.53 -16.12
N ARG A 484 10.69 29.82 -14.83
CA ARG A 484 11.98 29.59 -14.19
C ARG A 484 12.19 28.10 -13.96
N LEU A 485 13.33 27.59 -14.43
CA LEU A 485 13.64 26.17 -14.24
C LEU A 485 14.18 25.92 -12.83
N PRO A 486 13.78 24.82 -12.18
CA PRO A 486 14.35 24.52 -10.88
C PRO A 486 15.82 24.12 -11.00
N GLN A 487 16.62 24.60 -10.05
CA GLN A 487 18.05 24.34 -10.03
C GLN A 487 18.40 23.46 -8.82
N LYS A 488 19.64 22.96 -8.79
CA LYS A 488 20.11 22.18 -7.66
C LYS A 488 19.91 22.97 -6.37
N GLY A 489 19.34 22.30 -5.36
CA GLY A 489 19.01 22.91 -4.11
C GLY A 489 17.57 23.39 -4.01
N ASP A 490 16.95 23.73 -5.15
CA ASP A 490 15.54 24.09 -5.13
C ASP A 490 14.66 22.91 -4.79
N VAL A 491 14.98 21.74 -5.35
CA VAL A 491 14.11 20.57 -5.29
C VAL A 491 14.48 19.76 -4.05
N GLU A 492 13.55 19.67 -3.11
CA GLU A 492 13.78 18.90 -1.89
C GLU A 492 13.04 17.58 -1.87
N MET A 493 11.97 17.44 -2.64
CA MET A 493 11.29 16.18 -2.80
C MET A 493 10.93 16.01 -4.27
N LEU A 494 11.07 14.78 -4.76
CA LEU A 494 10.81 14.43 -6.14
C LEU A 494 9.83 13.27 -6.16
N CYS A 495 8.71 13.42 -6.85
CA CYS A 495 7.76 12.32 -6.92
C CYS A 495 7.20 12.24 -8.33
N GLY A 496 6.72 11.07 -8.71
CA GLY A 496 6.09 10.91 -10.02
C GLY A 496 5.79 9.47 -10.33
N GLY A 497 5.02 9.28 -11.42
CA GLY A 497 4.80 7.96 -11.97
C GLY A 497 5.12 7.88 -13.44
N PRO A 498 6.27 7.30 -13.78
CA PRO A 498 6.69 7.24 -15.19
C PRO A 498 6.03 6.07 -15.91
N PRO A 499 5.53 6.29 -17.11
CA PRO A 499 4.97 5.17 -17.88
C PRO A 499 6.04 4.19 -18.33
N CYS A 500 5.61 2.95 -18.53
CA CYS A 500 6.52 1.86 -18.90
C CYS A 500 6.22 1.30 -20.29
N GLN A 501 5.77 2.17 -21.20
CA GLN A 501 5.45 1.75 -22.56
C GLN A 501 6.67 1.14 -23.24
N GLY A 502 6.49 -0.05 -23.79
CA GLY A 502 7.53 -0.74 -24.53
C GLY A 502 8.23 -1.84 -23.77
N PHE A 503 8.09 -1.87 -22.44
CA PHE A 503 8.73 -2.90 -21.62
C PHE A 503 7.83 -3.34 -20.47
N SER A 504 6.52 -3.38 -20.69
CA SER A 504 5.59 -3.83 -19.66
C SER A 504 5.23 -5.31 -19.83
N GLY A 505 5.94 -6.05 -20.67
CA GLY A 505 5.78 -7.50 -20.70
C GLY A 505 6.49 -8.17 -19.53
N MET A 506 6.14 -9.44 -19.29
CA MET A 506 6.79 -10.21 -18.23
C MET A 506 8.03 -10.94 -18.71
N ASN A 507 8.20 -11.11 -20.02
CA ASN A 507 9.33 -11.87 -20.56
C ASN A 507 10.63 -11.08 -20.40
N ARG A 508 11.73 -11.81 -20.51
CA ARG A 508 13.06 -11.27 -20.30
C ARG A 508 13.39 -10.18 -21.32
N PHE A 509 14.19 -9.20 -20.89
CA PHE A 509 14.75 -8.21 -21.80
C PHE A 509 15.49 -8.90 -22.95
N ASN A 510 15.47 -8.27 -24.12
CA ASN A 510 16.45 -8.54 -25.16
C ASN A 510 17.15 -7.21 -25.48
N SER A 511 17.99 -7.22 -26.51
CA SER A 511 18.74 -6.02 -26.87
C SER A 511 17.81 -4.84 -27.19
N ARG A 512 16.78 -5.09 -28.00
CA ARG A 512 15.86 -4.01 -28.39
C ARG A 512 15.09 -3.46 -27.19
N THR A 513 14.47 -4.33 -26.39
CA THR A 513 13.66 -3.81 -25.29
C THR A 513 14.51 -3.23 -24.17
N TYR A 514 15.73 -3.74 -23.96
CA TYR A 514 16.63 -3.10 -23.01
C TYR A 514 17.02 -1.70 -23.49
N SER A 515 17.26 -1.54 -24.79
CA SER A 515 17.52 -0.20 -25.31
C SER A 515 16.34 0.73 -25.09
N LYS A 516 15.12 0.21 -25.28
CA LYS A 516 13.93 1.01 -24.98
C LYS A 516 13.90 1.42 -23.51
N PHE A 517 14.24 0.49 -22.60
CA PHE A 517 14.25 0.85 -21.19
C PHE A 517 15.31 1.90 -20.87
N LYS A 518 16.51 1.75 -21.44
CA LYS A 518 17.57 2.71 -21.17
C LYS A 518 17.22 4.11 -21.65
N ASN A 519 16.47 4.22 -22.75
CA ASN A 519 16.03 5.52 -23.23
C ASN A 519 14.66 5.95 -22.69
N SER A 520 14.17 5.32 -21.63
CA SER A 520 12.77 5.47 -21.24
C SER A 520 12.56 6.60 -20.22
N LEU A 521 11.27 6.87 -19.97
CA LEU A 521 10.90 7.88 -18.98
C LEU A 521 11.18 7.43 -17.55
N VAL A 522 11.21 6.12 -17.29
CA VAL A 522 11.66 5.63 -15.97
C VAL A 522 13.10 6.08 -15.73
N VAL A 523 13.96 5.86 -16.71
CA VAL A 523 15.35 6.25 -16.54
C VAL A 523 15.49 7.77 -16.52
N SER A 524 14.67 8.49 -17.29
CA SER A 524 14.69 9.95 -17.21
CA SER A 524 14.70 9.93 -17.21
C SER A 524 14.34 10.42 -15.80
N PHE A 525 13.34 9.79 -15.19
CA PHE A 525 12.96 10.16 -13.82
C PHE A 525 14.11 9.86 -12.85
N LEU A 526 14.78 8.73 -13.05
CA LEU A 526 15.96 8.44 -12.24
C LEU A 526 17.06 9.48 -12.45
N SER A 527 17.21 9.98 -13.67
CA SER A 527 18.18 11.04 -13.96
C SER A 527 17.84 12.32 -13.21
N TYR A 528 16.55 12.68 -13.16
CA TYR A 528 16.14 13.81 -12.33
C TYR A 528 16.57 13.59 -10.88
N CYS A 529 16.34 12.38 -10.37
CA CYS A 529 16.74 12.09 -9.00
C CYS A 529 18.24 12.26 -8.81
N ASP A 530 19.03 11.74 -9.75
CA ASP A 530 20.48 11.83 -9.64
C ASP A 530 20.97 13.28 -9.71
N TYR A 531 20.37 14.10 -10.57
CA TYR A 531 20.84 15.48 -10.71
C TYR A 531 20.43 16.33 -9.52
N TYR A 532 19.14 16.34 -9.17
CA TYR A 532 18.67 17.21 -8.11
C TYR A 532 18.99 16.71 -6.71
N ARG A 533 19.17 15.39 -6.53
CA ARG A 533 19.37 14.73 -5.24
C ARG A 533 18.49 15.31 -4.15
N PRO A 534 17.18 15.14 -4.26
CA PRO A 534 16.27 15.59 -3.19
C PRO A 534 16.47 14.79 -1.92
N ARG A 535 15.89 15.31 -0.83
CA ARG A 535 15.91 14.60 0.45
C ARG A 535 15.12 13.30 0.37
N PHE A 536 13.96 13.32 -0.29
CA PHE A 536 13.08 12.16 -0.40
C PHE A 536 12.64 11.99 -1.85
N PHE A 537 12.39 10.74 -2.22
CA PHE A 537 12.06 10.41 -3.60
C PHE A 537 10.98 9.33 -3.60
N LEU A 538 9.97 9.50 -4.45
CA LEU A 538 8.89 8.54 -4.56
C LEU A 538 8.58 8.23 -6.02
N LEU A 539 8.59 6.95 -6.37
CA LEU A 539 8.15 6.48 -7.67
C LEU A 539 6.94 5.59 -7.44
N GLU A 540 5.80 5.93 -8.03
CA GLU A 540 4.60 5.11 -7.95
C GLU A 540 4.27 4.54 -9.33
N ASN A 541 3.66 3.36 -9.35
CA ASN A 541 3.34 2.73 -10.63
C ASN A 541 2.30 1.65 -10.41
N VAL A 542 1.84 1.06 -11.52
CA VAL A 542 0.99 -0.11 -11.44
C VAL A 542 1.73 -1.22 -10.68
N ARG A 543 0.95 -2.14 -10.11
CA ARG A 543 1.54 -3.20 -9.31
C ARG A 543 2.59 -3.97 -10.09
N ASN A 544 2.31 -4.29 -11.36
CA ASN A 544 3.24 -5.17 -12.06
C ASN A 544 4.56 -4.50 -12.42
N PHE A 545 4.79 -3.24 -12.03
CA PHE A 545 6.11 -2.65 -12.13
C PHE A 545 7.15 -3.53 -11.43
N VAL A 546 6.77 -4.21 -10.34
CA VAL A 546 7.68 -5.08 -9.64
C VAL A 546 7.98 -6.37 -10.38
N SER A 547 7.25 -6.68 -11.45
CA SER A 547 7.44 -7.93 -12.18
CA SER A 547 7.43 -7.93 -12.18
C SER A 547 7.82 -7.75 -13.64
N PHE A 548 7.71 -6.54 -14.21
CA PHE A 548 8.04 -6.33 -15.61
C PHE A 548 9.43 -6.85 -15.94
N LYS A 549 9.54 -7.59 -17.05
CA LYS A 549 10.81 -8.08 -17.59
C LYS A 549 11.58 -8.90 -16.55
N ARG A 550 10.89 -9.90 -15.98
CA ARG A 550 11.48 -10.77 -14.96
C ARG A 550 12.03 -9.96 -13.79
N SER A 551 11.30 -8.92 -13.39
CA SER A 551 11.65 -8.04 -12.27
C SER A 551 12.88 -7.19 -12.55
N MET A 552 13.37 -7.19 -13.79
CA MET A 552 14.58 -6.42 -14.07
C MET A 552 14.32 -4.91 -14.05
N VAL A 553 13.11 -4.47 -14.37
CA VAL A 553 12.80 -3.04 -14.26
C VAL A 553 12.93 -2.58 -12.81
N LEU A 554 12.36 -3.36 -11.88
CA LEU A 554 12.50 -3.05 -10.46
C LEU A 554 13.95 -3.12 -10.02
N LYS A 555 14.66 -4.20 -10.38
CA LYS A 555 16.01 -4.37 -9.90
C LYS A 555 16.92 -3.25 -10.40
N LEU A 556 16.75 -2.85 -11.66
CA LEU A 556 17.57 -1.77 -12.20
C LEU A 556 17.23 -0.42 -11.57
N THR A 557 15.94 -0.16 -11.29
CA THR A 557 15.58 1.08 -10.62
C THR A 557 16.26 1.17 -9.25
N LEU A 558 16.19 0.09 -8.48
CA LEU A 558 16.84 0.07 -7.17
C LEU A 558 18.36 0.18 -7.32
N ARG A 559 18.90 -0.48 -8.35
CA ARG A 559 20.34 -0.44 -8.58
C ARG A 559 20.81 0.99 -8.82
N CYS A 560 20.05 1.75 -9.62
CA CYS A 560 20.38 3.16 -9.87
C CYS A 560 20.35 3.96 -8.58
N LEU A 561 19.31 3.77 -7.76
CA LEU A 561 19.24 4.54 -6.51
C LEU A 561 20.45 4.24 -5.61
N VAL A 562 20.77 2.96 -5.45
CA VAL A 562 21.93 2.57 -4.64
C VAL A 562 23.21 3.14 -5.23
N ARG A 563 23.33 3.12 -6.56
CA ARG A 563 24.50 3.67 -7.24
C ARG A 563 24.65 5.16 -6.94
N MET A 564 23.53 5.88 -6.83
CA MET A 564 23.58 7.27 -6.42
C MET A 564 23.94 7.42 -4.95
N GLY A 565 23.78 6.35 -4.17
CA GLY A 565 24.03 6.44 -2.75
C GLY A 565 22.79 6.64 -1.90
N TYR A 566 21.61 6.49 -2.49
CA TYR A 566 20.35 6.63 -1.77
C TYR A 566 20.06 5.42 -0.91
N GLN A 567 19.41 5.66 0.22
CA GLN A 567 18.66 4.61 0.90
C GLN A 567 17.38 4.36 0.11
N CYS A 568 16.93 3.12 0.03
CA CYS A 568 15.75 2.87 -0.79
C CYS A 568 15.08 1.56 -0.41
N THR A 569 13.82 1.44 -0.82
CA THR A 569 13.05 0.22 -0.63
C THR A 569 11.88 0.25 -1.61
N PHE A 570 11.15 -0.86 -1.67
CA PHE A 570 9.97 -0.98 -2.51
C PHE A 570 8.88 -1.77 -1.80
N GLY A 571 7.67 -1.65 -2.32
CA GLY A 571 6.57 -2.44 -1.79
C GLY A 571 5.32 -2.22 -2.62
N VAL A 572 4.28 -2.95 -2.27
CA VAL A 572 2.99 -2.84 -2.94
C VAL A 572 1.95 -2.43 -1.91
N LEU A 573 1.11 -1.46 -2.27
CA LEU A 573 0.05 -1.00 -1.38
C LEU A 573 -1.29 -1.14 -2.08
N GLN A 574 -2.34 -1.37 -1.28
CA GLN A 574 -3.71 -1.42 -1.77
C GLN A 574 -4.43 -0.15 -1.33
N ALA A 575 -4.87 0.66 -2.30
CA ALA A 575 -5.48 1.96 -1.98
C ALA A 575 -6.71 1.81 -1.10
N GLY A 576 -7.50 0.75 -1.31
CA GLY A 576 -8.69 0.54 -0.49
C GLY A 576 -8.39 0.45 0.99
N GLN A 577 -7.18 0.02 1.35
CA GLN A 577 -6.83 -0.04 2.76
C GLN A 577 -6.57 1.33 3.37
N TYR A 578 -6.55 2.40 2.57
CA TYR A 578 -6.30 3.74 3.09
C TYR A 578 -7.51 4.66 2.90
N GLY A 579 -8.66 4.11 2.57
CA GLY A 579 -9.89 4.88 2.73
C GLY A 579 -10.66 5.24 1.47
N VAL A 580 -10.55 4.43 0.42
CA VAL A 580 -11.42 4.61 -0.74
C VAL A 580 -12.17 3.31 -0.96
N ALA A 581 -13.36 3.41 -1.54
CA ALA A 581 -14.12 2.22 -1.91
C ALA A 581 -13.69 1.71 -3.28
N GLN A 582 -12.43 1.28 -3.36
CA GLN A 582 -11.86 0.97 -4.66
C GLN A 582 -10.67 0.03 -4.50
N THR A 583 -10.58 -1.00 -5.34
CA THR A 583 -9.40 -1.84 -5.37
C THR A 583 -8.41 -1.25 -6.37
N ARG A 584 -7.22 -0.91 -5.88
CA ARG A 584 -6.21 -0.32 -6.75
C ARG A 584 -4.85 -0.57 -6.10
N ARG A 585 -4.15 -1.59 -6.57
CA ARG A 585 -2.82 -1.88 -6.05
C ARG A 585 -1.80 -1.04 -6.81
N ARG A 586 -0.83 -0.50 -6.09
CA ARG A 586 0.24 0.30 -6.68
CA ARG A 586 0.25 0.30 -6.67
C ARG A 586 1.58 -0.20 -6.16
N ALA A 587 2.57 -0.23 -7.05
CA ALA A 587 3.96 -0.43 -6.66
C ALA A 587 4.53 0.92 -6.25
N ILE A 588 5.29 0.93 -5.16
CA ILE A 588 5.84 2.14 -4.57
C ILE A 588 7.32 1.90 -4.35
N ILE A 589 8.15 2.80 -4.86
CA ILE A 589 9.58 2.83 -4.55
C ILE A 589 9.86 4.10 -3.77
N LEU A 590 10.47 3.93 -2.59
CA LEU A 590 10.82 5.03 -1.71
C LEU A 590 12.33 5.15 -1.60
N ALA A 591 12.83 6.38 -1.57
CA ALA A 591 14.25 6.61 -1.35
C ALA A 591 14.43 7.81 -0.45
N ALA A 592 15.52 7.79 0.31
CA ALA A 592 15.86 8.88 1.21
C ALA A 592 17.37 9.13 1.16
N ALA A 593 17.74 10.41 1.17
CA ALA A 593 19.11 10.82 1.06
C ALA A 593 19.93 10.36 2.26
N PRO A 594 21.25 10.24 2.11
CA PRO A 594 22.12 10.11 3.28
C PRO A 594 21.88 11.27 4.23
N GLY A 595 21.79 10.95 5.51
CA GLY A 595 21.43 11.93 6.51
C GLY A 595 19.98 11.87 6.94
N GLU A 596 19.10 11.27 6.12
CA GLU A 596 17.70 11.14 6.44
C GLU A 596 17.40 9.75 6.99
N LYS A 597 16.20 9.60 7.53
CA LYS A 597 15.64 8.29 7.86
C LYS A 597 14.84 7.80 6.67
N LEU A 598 14.98 6.52 6.34
CA LEU A 598 14.18 5.95 5.25
C LEU A 598 12.77 5.64 5.75
N PRO A 599 11.72 6.17 5.10
CA PRO A 599 10.37 5.97 5.62
C PRO A 599 9.94 4.52 5.59
N LEU A 600 9.00 4.20 6.47
CA LEU A 600 8.25 2.96 6.47
C LEU A 600 7.03 3.08 5.56
N PHE A 601 6.53 1.93 5.11
CA PHE A 601 5.26 1.93 4.41
C PHE A 601 4.12 2.08 5.43
N PRO A 602 3.04 2.76 5.06
CA PRO A 602 1.98 3.05 6.05
C PRO A 602 1.17 1.81 6.39
N GLU A 603 0.87 1.65 7.68
CA GLU A 603 0.00 0.56 8.09
C GLU A 603 -1.41 0.78 7.52
N PRO A 604 -2.05 -0.27 7.03
CA PRO A 604 -3.47 -0.18 6.63
C PRO A 604 -4.34 0.45 7.70
N LEU A 605 -5.24 1.32 7.26
CA LEU A 605 -6.22 2.01 8.09
C LEU A 605 -7.57 1.33 8.10
N HIS A 606 -8.02 0.84 6.94
CA HIS A 606 -9.34 0.25 6.77
C HIS A 606 -9.24 -1.22 6.45
N VAL A 607 -10.14 -2.03 7.01
CA VAL A 607 -10.24 -3.41 6.55
C VAL A 607 -10.69 -3.40 5.10
N PHE A 608 -10.33 -4.44 4.37
CA PHE A 608 -10.65 -4.51 2.95
C PHE A 608 -10.66 -5.98 2.54
N ALA A 609 -11.32 -6.28 1.43
CA ALA A 609 -11.41 -7.64 0.93
C ALA A 609 -10.02 -8.30 0.83
N PRO A 610 -9.77 -9.41 1.53
CA PRO A 610 -8.41 -9.98 1.52
C PRO A 610 -7.91 -10.38 0.15
N ARG A 611 -8.79 -10.82 -0.76
CA ARG A 611 -8.36 -11.18 -2.10
C ARG A 611 -7.74 -10.00 -2.85
N ALA A 612 -8.08 -8.77 -2.46
CA ALA A 612 -7.51 -7.59 -3.09
C ALA A 612 -6.26 -7.09 -2.38
N CYS A 613 -5.82 -7.75 -1.32
CA CYS A 613 -4.75 -7.26 -0.47
C CYS A 613 -3.54 -8.18 -0.51
N GLN A 614 -3.20 -8.69 -1.69
CA GLN A 614 -2.01 -9.53 -1.86
C GLN A 614 -0.83 -8.61 -2.15
N LEU A 615 -0.02 -8.32 -1.14
CA LEU A 615 1.00 -7.29 -1.26
C LEU A 615 2.41 -7.84 -1.41
N SER A 616 2.60 -9.15 -1.32
CA SER A 616 3.94 -9.72 -1.37
C SER A 616 4.46 -9.73 -2.81
N VAL A 617 5.78 -9.82 -2.96
CA VAL A 617 6.42 -9.74 -4.27
C VAL A 617 7.55 -10.76 -4.34
N VAL A 618 7.56 -11.60 -5.37
CA VAL A 618 8.61 -12.60 -5.54
C VAL A 618 9.60 -12.11 -6.57
N VAL A 619 10.88 -12.03 -6.18
CA VAL A 619 11.96 -11.64 -7.07
C VAL A 619 13.04 -12.72 -6.99
N ASP A 620 13.32 -13.37 -8.12
CA ASP A 620 14.34 -14.43 -8.18
C ASP A 620 14.15 -15.44 -7.06
N ASP A 621 12.92 -15.91 -6.90
CA ASP A 621 12.48 -16.92 -5.94
C ASP A 621 12.44 -16.44 -4.50
N LYS A 622 12.83 -15.20 -4.22
CA LYS A 622 12.79 -14.65 -2.88
C LYS A 622 11.49 -13.88 -2.70
N LYS A 623 10.72 -14.23 -1.67
CA LYS A 623 9.50 -13.51 -1.36
C LYS A 623 9.82 -12.31 -0.46
N PHE A 624 9.41 -11.13 -0.90
CA PHE A 624 9.63 -9.88 -0.19
C PHE A 624 8.29 -9.32 0.27
N VAL A 625 8.29 -8.76 1.47
CA VAL A 625 7.14 -8.06 2.02
C VAL A 625 7.59 -6.70 2.51
N SER A 626 6.65 -5.84 2.81
CA SER A 626 7.00 -4.58 3.44
C SER A 626 6.92 -4.74 4.96
N ASN A 627 7.18 -3.66 5.66
CA ASN A 627 7.12 -3.60 7.12
C ASN A 627 5.69 -3.73 7.67
N ILE A 628 4.69 -3.81 6.80
CA ILE A 628 3.30 -3.75 7.26
C ILE A 628 2.96 -4.97 8.10
N THR A 629 2.38 -4.73 9.28
CA THR A 629 2.03 -5.81 10.20
C THR A 629 0.54 -6.07 10.30
N ARG A 630 -0.31 -5.12 9.90
CA ARG A 630 -1.77 -5.29 9.94
C ARG A 630 -2.17 -6.12 8.73
N LEU A 631 -2.21 -7.43 8.91
CA LEU A 631 -2.57 -8.36 7.84
C LEU A 631 -3.97 -8.92 7.94
N SER A 632 -4.60 -8.87 9.13
CA SER A 632 -5.88 -9.52 9.36
C SER A 632 -7.03 -8.58 9.68
N SER A 633 -6.74 -7.40 10.22
CA SER A 633 -7.77 -6.46 10.65
C SER A 633 -7.14 -5.08 10.67
N GLY A 634 -7.92 -4.09 11.12
CA GLY A 634 -7.48 -2.72 11.12
C GLY A 634 -8.40 -1.83 11.92
N PRO A 635 -8.01 -0.56 12.11
CA PRO A 635 -8.76 0.30 13.02
C PRO A 635 -10.12 0.74 12.51
N PHE A 636 -10.33 0.86 11.20
CA PHE A 636 -11.55 1.45 10.66
C PHE A 636 -12.27 0.48 9.73
N ARG A 637 -13.59 0.61 9.70
CA ARG A 637 -14.42 -0.18 8.80
C ARG A 637 -14.15 0.20 7.35
N THR A 638 -14.49 -0.71 6.45
CA THR A 638 -14.26 -0.51 5.02
C THR A 638 -15.18 0.58 4.47
N ILE A 639 -14.65 1.39 3.54
CA ILE A 639 -15.43 2.44 2.87
C ILE A 639 -16.13 1.81 1.68
N THR A 640 -17.43 2.05 1.56
CA THR A 640 -18.26 1.38 0.57
C THR A 640 -18.71 2.34 -0.51
N VAL A 641 -19.34 1.76 -1.56
CA VAL A 641 -19.95 2.58 -2.60
C VAL A 641 -21.01 3.50 -2.00
N ARG A 642 -21.78 2.99 -1.03
CA ARG A 642 -22.75 3.83 -0.31
C ARG A 642 -22.07 5.02 0.33
N ASP A 643 -20.98 4.77 1.09
CA ASP A 643 -20.20 5.86 1.68
C ASP A 643 -19.79 6.86 0.63
N THR A 644 -19.47 6.36 -0.55
CA THR A 644 -18.81 7.13 -1.60
C THR A 644 -19.78 8.07 -2.32
N MET A 645 -21.01 7.60 -2.56
CA MET A 645 -21.88 8.38 -3.43
C MET A 645 -23.38 8.35 -3.11
N SER A 646 -23.79 7.89 -1.93
CA SER A 646 -25.23 7.83 -1.66
C SER A 646 -25.88 9.22 -1.65
N ASP A 647 -25.10 10.30 -1.54
CA ASP A 647 -25.65 11.64 -1.43
C ASP A 647 -25.84 12.35 -2.77
N LEU A 648 -25.41 11.76 -3.85
CA LEU A 648 -25.44 12.49 -5.10
C LEU A 648 -26.83 12.40 -5.74
N PRO A 649 -27.32 13.49 -6.32
CA PRO A 649 -28.67 13.46 -6.89
C PRO A 649 -28.75 12.55 -8.11
N GLU A 650 -29.94 12.02 -8.33
CA GLU A 650 -30.23 11.23 -9.51
C GLU A 650 -30.05 12.05 -10.78
N VAL A 651 -29.35 11.49 -11.78
CA VAL A 651 -29.21 12.09 -13.09
C VAL A 651 -29.43 11.00 -14.14
N ARG A 652 -29.66 11.44 -15.38
CA ARG A 652 -29.94 10.51 -16.46
C ARG A 652 -28.68 10.16 -17.25
N ASN A 653 -28.78 9.08 -18.03
CA ASN A 653 -27.78 8.77 -19.04
C ASN A 653 -27.51 10.02 -19.88
N GLY A 654 -26.25 10.34 -20.07
CA GLY A 654 -25.89 11.52 -20.83
C GLY A 654 -26.02 12.85 -20.12
N ALA A 655 -26.19 12.84 -18.79
CA ALA A 655 -26.29 14.09 -18.03
C ALA A 655 -25.13 15.02 -18.35
N SER A 656 -25.43 16.29 -18.61
CA SER A 656 -24.41 17.23 -19.02
C SER A 656 -24.40 18.54 -18.22
N ALA A 657 -25.34 18.74 -17.30
CA ALA A 657 -25.35 19.97 -16.51
C ALA A 657 -24.12 20.02 -15.60
N LEU A 658 -23.25 21.01 -15.83
CA LEU A 658 -21.97 21.09 -15.13
C LEU A 658 -22.08 21.57 -13.69
N GLU A 659 -23.17 22.26 -13.35
CA GLU A 659 -23.36 22.83 -12.01
C GLU A 659 -24.81 22.59 -11.61
N ILE A 660 -25.04 21.78 -10.57
CA ILE A 660 -26.39 21.44 -10.14
C ILE A 660 -26.45 21.52 -8.61
N SER A 661 -27.66 21.38 -8.07
CA SER A 661 -27.85 21.25 -6.64
C SER A 661 -27.46 19.85 -6.18
N TYR A 662 -26.85 19.76 -4.99
CA TYR A 662 -26.66 18.45 -4.34
C TYR A 662 -28.00 17.84 -3.93
N ASN A 663 -29.01 18.67 -3.68
CA ASN A 663 -30.35 18.30 -3.23
C ASN A 663 -30.40 17.79 -1.79
N GLY A 664 -29.28 17.79 -1.06
CA GLY A 664 -29.32 17.38 0.33
C GLY A 664 -27.94 17.48 0.94
N GLU A 665 -27.92 17.39 2.26
CA GLU A 665 -26.69 17.47 3.02
C GLU A 665 -25.88 16.18 2.86
N PRO A 666 -24.56 16.23 3.13
CA PRO A 666 -23.77 15.00 3.13
C PRO A 666 -24.33 14.04 4.17
N GLN A 667 -24.24 12.75 3.85
CA GLN A 667 -24.83 11.71 4.69
C GLN A 667 -23.82 10.90 5.49
N SER A 668 -22.70 10.54 4.89
CA SER A 668 -21.68 9.73 5.53
C SER A 668 -20.49 10.59 5.95
N TRP A 669 -19.67 10.02 6.83
CA TRP A 669 -18.39 10.63 7.19
C TRP A 669 -17.55 10.95 5.94
N PHE A 670 -17.46 9.99 5.01
CA PHE A 670 -16.66 10.17 3.80
C PHE A 670 -17.17 11.36 2.99
N GLN A 671 -18.49 11.47 2.84
CA GLN A 671 -19.08 12.60 2.12
C GLN A 671 -18.85 13.91 2.84
N ARG A 672 -18.97 13.93 4.18
CA ARG A 672 -18.68 15.15 4.92
C ARG A 672 -17.26 15.61 4.69
N GLN A 673 -16.31 14.67 4.71
CA GLN A 673 -14.92 15.00 4.47
C GLN A 673 -14.71 15.55 3.07
N LEU A 674 -15.28 14.88 2.05
CA LEU A 674 -14.99 15.29 0.67
C LEU A 674 -15.74 16.55 0.26
N ARG A 675 -16.91 16.83 0.84
CA ARG A 675 -17.55 18.11 0.59
C ARG A 675 -16.84 19.24 1.33
N GLY A 676 -16.24 18.95 2.49
CA GLY A 676 -15.44 19.94 3.18
C GLY A 676 -16.25 20.83 4.10
N ALA A 677 -15.52 21.63 4.88
CA ALA A 677 -16.15 22.40 5.96
C ALA A 677 -17.00 23.55 5.42
N GLN A 678 -16.46 24.31 4.46
CA GLN A 678 -17.20 25.43 3.89
C GLN A 678 -18.38 24.93 3.07
N TYR A 679 -19.53 25.58 3.24
CA TYR A 679 -20.74 25.16 2.53
C TYR A 679 -20.53 25.31 1.03
N GLN A 680 -20.83 24.24 0.29
CA GLN A 680 -20.73 24.26 -1.17
C GLN A 680 -22.13 24.23 -1.76
N PRO A 681 -22.65 25.36 -2.27
CA PRO A 681 -24.01 25.36 -2.79
C PRO A 681 -24.16 24.69 -4.15
N ILE A 682 -23.07 24.37 -4.83
CA ILE A 682 -23.12 23.84 -6.19
C ILE A 682 -22.29 22.57 -6.27
N LEU A 683 -22.88 21.51 -6.81
CA LEU A 683 -22.18 20.27 -7.16
C LEU A 683 -21.76 20.33 -8.63
N ARG A 684 -20.48 20.07 -8.88
CA ARG A 684 -19.90 20.19 -10.21
CA ARG A 684 -19.88 20.19 -10.21
C ARG A 684 -19.51 18.82 -10.77
N ASP A 685 -19.60 18.71 -12.10
CA ASP A 685 -19.09 17.55 -12.85
C ASP A 685 -19.83 16.24 -12.52
N HIS A 686 -21.08 16.33 -12.07
CA HIS A 686 -21.90 15.13 -11.92
C HIS A 686 -22.57 14.85 -13.27
N ILE A 687 -21.71 14.53 -14.24
CA ILE A 687 -22.09 14.36 -15.64
C ILE A 687 -21.65 12.96 -16.07
N CYS A 688 -22.41 12.38 -16.99
N CYS A 688 -22.41 12.35 -16.97
CA CYS A 688 -22.22 11.01 -17.45
CA CYS A 688 -22.07 11.01 -17.42
C CYS A 688 -22.16 10.96 -18.96
C CYS A 688 -22.20 10.91 -18.93
N LYS A 689 -21.50 9.92 -19.47
CA LYS A 689 -21.45 9.71 -20.91
C LYS A 689 -22.83 9.41 -21.46
N ASP A 690 -23.07 9.89 -22.68
CA ASP A 690 -24.35 9.72 -23.35
C ASP A 690 -24.28 8.43 -24.15
N MET A 691 -24.69 7.32 -23.53
CA MET A 691 -24.63 6.04 -24.22
C MET A 691 -25.73 5.95 -25.27
N SER A 692 -25.46 5.19 -26.33
CA SER A 692 -26.40 5.05 -27.43
C SER A 692 -27.71 4.41 -26.97
N ALA A 693 -28.72 4.46 -27.83
CA ALA A 693 -30.05 3.99 -27.45
C ALA A 693 -30.04 2.50 -27.10
N LEU A 694 -29.31 1.69 -27.88
CA LEU A 694 -29.23 0.25 -27.59
C LEU A 694 -28.53 -0.01 -26.27
N VAL A 695 -27.40 0.67 -26.04
CA VAL A 695 -26.68 0.50 -24.79
C VAL A 695 -27.54 0.93 -23.61
N ALA A 696 -28.29 2.01 -23.76
CA ALA A 696 -29.16 2.50 -22.69
C ALA A 696 -30.26 1.49 -22.38
N ALA A 697 -30.86 0.88 -23.42
CA ALA A 697 -31.85 -0.17 -23.18
C ALA A 697 -31.24 -1.34 -22.41
N ARG A 698 -30.02 -1.75 -22.78
CA ARG A 698 -29.35 -2.81 -22.04
C ARG A 698 -29.19 -2.44 -20.58
N MET A 699 -28.70 -1.23 -20.30
CA MET A 699 -28.47 -0.83 -18.92
C MET A 699 -29.79 -0.82 -18.14
N ARG A 700 -30.87 -0.41 -18.80
CA ARG A 700 -32.18 -0.42 -18.18
C ARG A 700 -32.68 -1.83 -17.87
N HIS A 701 -32.11 -2.86 -18.49
CA HIS A 701 -32.54 -4.21 -18.16
C HIS A 701 -31.56 -5.01 -17.30
N ILE A 702 -30.52 -4.37 -16.75
CA ILE A 702 -29.63 -5.06 -15.82
C ILE A 702 -30.26 -5.00 -14.43
N PRO A 703 -30.54 -6.14 -13.80
CA PRO A 703 -31.18 -6.14 -12.49
C PRO A 703 -30.35 -5.41 -11.45
N LEU A 704 -31.03 -5.00 -10.38
CA LEU A 704 -30.40 -4.23 -9.31
C LEU A 704 -29.71 -5.09 -8.27
N ALA A 705 -29.98 -6.40 -8.23
CA ALA A 705 -29.38 -7.25 -7.21
C ALA A 705 -27.85 -7.30 -7.37
N PRO A 706 -27.13 -7.41 -6.26
CA PRO A 706 -25.65 -7.48 -6.32
C PRO A 706 -25.15 -8.61 -7.19
N GLY A 707 -24.09 -8.33 -7.96
CA GLY A 707 -23.54 -9.30 -8.90
C GLY A 707 -24.22 -9.36 -10.24
N SER A 708 -25.14 -8.44 -10.53
CA SER A 708 -25.86 -8.46 -11.80
C SER A 708 -24.95 -7.97 -12.94
N ASP A 709 -25.01 -8.63 -14.09
CA ASP A 709 -24.28 -8.15 -15.25
C ASP A 709 -24.97 -8.67 -16.51
N TRP A 710 -24.25 -8.65 -17.65
CA TRP A 710 -24.89 -8.94 -18.93
C TRP A 710 -25.54 -10.31 -18.95
N ARG A 711 -25.05 -11.24 -18.12
CA ARG A 711 -25.57 -12.59 -18.12
C ARG A 711 -27.00 -12.65 -17.58
N ASP A 712 -27.46 -11.58 -16.95
CA ASP A 712 -28.82 -11.44 -16.46
C ASP A 712 -29.75 -10.75 -17.45
N LEU A 713 -29.28 -10.37 -18.64
CA LEU A 713 -30.16 -9.68 -19.57
C LEU A 713 -31.28 -10.61 -20.06
N PRO A 714 -32.50 -10.11 -20.20
CA PRO A 714 -33.56 -10.92 -20.82
C PRO A 714 -33.44 -10.94 -22.34
N ASN A 715 -33.84 -12.06 -22.93
CA ASN A 715 -33.79 -12.21 -24.38
C ASN A 715 -35.14 -11.84 -24.98
N ILE A 716 -35.36 -10.54 -25.12
CA ILE A 716 -36.64 -10.02 -25.58
C ILE A 716 -36.39 -8.93 -26.62
N GLU A 717 -37.42 -8.63 -27.40
CA GLU A 717 -37.41 -7.43 -28.22
C GLU A 717 -37.72 -6.23 -27.34
N VAL A 718 -37.07 -5.10 -27.63
CA VAL A 718 -37.40 -3.87 -26.93
C VAL A 718 -37.34 -2.71 -27.93
N ARG A 719 -38.34 -1.82 -27.86
CA ARG A 719 -38.35 -0.62 -28.68
C ARG A 719 -37.38 0.39 -28.08
N LEU A 720 -36.49 0.92 -28.92
CA LEU A 720 -35.47 1.85 -28.47
C LEU A 720 -35.99 3.29 -28.53
N SER A 721 -35.26 4.18 -27.83
CA SER A 721 -35.68 5.58 -27.74
C SER A 721 -35.63 6.29 -29.08
N ASP A 722 -34.88 5.78 -30.06
CA ASP A 722 -34.79 6.38 -31.39
C ASP A 722 -35.67 5.67 -32.40
N GLY A 723 -36.67 4.93 -31.95
CA GLY A 723 -37.60 4.26 -32.84
C GLY A 723 -37.14 2.93 -33.38
N THR A 724 -35.85 2.61 -33.29
CA THR A 724 -35.36 1.33 -33.78
C THR A 724 -35.70 0.22 -32.78
N MET A 725 -35.44 -1.01 -33.19
CA MET A 725 -35.81 -2.19 -32.42
C MET A 725 -34.58 -2.98 -32.04
N ALA A 726 -34.45 -3.33 -30.76
CA ALA A 726 -33.48 -4.32 -30.32
C ALA A 726 -34.12 -5.69 -30.42
N ARG A 727 -33.39 -6.63 -31.03
CA ARG A 727 -33.87 -7.94 -31.44
C ARG A 727 -33.49 -9.02 -30.43
N LYS A 728 -34.23 -10.12 -30.48
N LYS A 728 -34.23 -10.13 -30.48
CA LYS A 728 -33.86 -11.32 -29.75
CA LYS A 728 -33.86 -11.31 -29.72
C LYS A 728 -32.55 -11.89 -30.32
C LYS A 728 -32.61 -11.94 -30.31
N LEU A 729 -31.75 -12.47 -29.44
CA LEU A 729 -30.60 -13.24 -29.87
C LEU A 729 -31.05 -14.66 -30.18
N ARG A 730 -30.62 -15.19 -31.34
CA ARG A 730 -30.97 -16.54 -31.74
C ARG A 730 -29.78 -17.49 -31.55
N TYR A 731 -30.08 -18.72 -31.15
CA TYR A 731 -29.06 -19.72 -30.86
C TYR A 731 -29.02 -20.75 -31.99
N THR A 732 -27.93 -20.72 -32.75
CA THR A 732 -27.88 -21.29 -34.08
C THR A 732 -26.97 -22.49 -34.21
N HIS A 733 -26.04 -22.71 -33.27
CA HIS A 733 -25.12 -23.82 -33.32
C HIS A 733 -25.07 -24.52 -31.97
N HIS A 734 -24.83 -25.82 -32.00
CA HIS A 734 -24.75 -26.61 -30.78
C HIS A 734 -23.38 -26.45 -30.14
N ASP A 735 -23.37 -25.95 -28.90
CA ASP A 735 -22.14 -25.83 -28.12
C ASP A 735 -22.02 -27.08 -27.23
N ARG A 736 -21.16 -28.02 -27.65
CA ARG A 736 -21.00 -29.27 -26.91
C ARG A 736 -20.53 -29.03 -25.49
N LYS A 737 -19.59 -28.09 -25.30
CA LYS A 737 -19.08 -27.81 -23.95
C LYS A 737 -20.16 -27.23 -23.05
N ASN A 738 -20.96 -26.30 -23.56
CA ASN A 738 -21.93 -25.61 -22.72
C ASN A 738 -23.29 -26.31 -22.66
N GLY A 739 -23.54 -27.31 -23.50
CA GLY A 739 -24.79 -28.05 -23.45
C GLY A 739 -25.97 -27.26 -24.01
N ARG A 740 -27.15 -27.62 -23.52
CA ARG A 740 -28.41 -27.07 -24.02
C ARG A 740 -29.25 -26.59 -22.85
N SER A 741 -30.19 -25.69 -23.13
CA SER A 741 -31.07 -25.21 -22.07
C SER A 741 -32.10 -26.27 -21.71
N SER A 742 -32.81 -26.03 -20.60
CA SER A 742 -33.79 -27.00 -20.11
C SER A 742 -34.93 -27.23 -21.09
N SER A 743 -35.16 -26.32 -22.04
CA SER A 743 -36.12 -26.55 -23.10
C SER A 743 -35.50 -27.19 -24.34
N GLY A 744 -34.20 -27.51 -24.29
CA GLY A 744 -33.53 -28.10 -25.42
C GLY A 744 -32.94 -27.13 -26.42
N ALA A 745 -33.03 -25.83 -26.17
CA ALA A 745 -32.45 -24.84 -27.08
C ALA A 745 -30.93 -24.92 -27.08
N LEU A 746 -30.34 -24.54 -28.22
CA LEU A 746 -28.89 -24.53 -28.36
C LEU A 746 -28.29 -23.34 -27.61
N ARG A 747 -26.96 -23.36 -27.47
CA ARG A 747 -26.27 -22.31 -26.74
C ARG A 747 -25.12 -21.67 -27.53
N GLY A 748 -24.88 -22.08 -28.76
CA GLY A 748 -23.88 -21.44 -29.60
C GLY A 748 -24.51 -20.41 -30.52
N VAL A 749 -23.76 -19.34 -30.79
CA VAL A 749 -24.19 -18.29 -31.69
C VAL A 749 -23.29 -18.18 -32.92
N CYS A 750 -22.37 -19.13 -33.11
CA CYS A 750 -21.49 -19.07 -34.27
C CYS A 750 -20.91 -20.46 -34.55
N SER A 751 -20.57 -20.67 -35.83
CA SER A 751 -20.00 -21.94 -36.26
C SER A 751 -18.67 -22.22 -35.59
N CYS A 752 -17.92 -21.18 -35.21
CA CYS A 752 -16.66 -21.38 -34.50
C CYS A 752 -16.85 -22.13 -33.18
N VAL A 753 -18.09 -22.36 -32.75
CA VAL A 753 -18.30 -23.20 -31.57
C VAL A 753 -17.87 -24.63 -31.82
N GLU A 754 -17.66 -25.03 -33.07
CA GLU A 754 -17.08 -26.33 -33.40
C GLU A 754 -15.57 -26.32 -33.13
N ALA A 755 -14.97 -27.51 -33.20
CA ALA A 755 -13.57 -27.66 -32.81
C ALA A 755 -12.65 -26.79 -33.65
N GLY A 756 -12.59 -27.04 -34.95
CA GLY A 756 -11.68 -26.30 -35.80
C GLY A 756 -12.36 -25.41 -36.82
N LYS A 757 -13.69 -25.40 -36.82
CA LYS A 757 -14.43 -24.63 -37.82
C LYS A 757 -14.23 -23.14 -37.59
N ALA A 758 -14.09 -22.39 -38.68
CA ALA A 758 -13.92 -20.95 -38.60
C ALA A 758 -15.26 -20.26 -38.39
N CYS A 759 -15.20 -18.95 -38.17
CA CYS A 759 -16.41 -18.16 -37.97
C CYS A 759 -17.14 -17.98 -39.31
N ASP A 760 -18.44 -18.20 -39.30
CA ASP A 760 -19.28 -17.92 -40.46
C ASP A 760 -19.78 -16.48 -40.39
N PRO A 761 -19.43 -15.62 -41.36
CA PRO A 761 -19.93 -14.24 -41.31
C PRO A 761 -21.44 -14.14 -41.25
N ALA A 762 -22.14 -15.00 -41.99
CA ALA A 762 -23.60 -15.01 -41.94
C ALA A 762 -24.15 -15.26 -40.54
N ALA A 763 -23.35 -15.87 -39.66
CA ALA A 763 -23.79 -16.16 -38.30
C ALA A 763 -23.70 -14.96 -37.37
N ARG A 764 -23.12 -13.85 -37.81
CA ARG A 764 -23.02 -12.67 -36.94
C ARG A 764 -24.37 -11.98 -36.87
N GLN A 765 -24.84 -11.70 -35.65
CA GLN A 765 -26.13 -11.06 -35.42
C GLN A 765 -25.93 -9.65 -34.89
N PHE A 766 -26.89 -8.77 -35.18
CA PHE A 766 -26.75 -7.34 -34.91
C PHE A 766 -27.91 -6.83 -34.06
N ASN A 767 -27.61 -5.83 -33.23
CA ASN A 767 -28.61 -5.07 -32.49
C ASN A 767 -29.48 -5.96 -31.60
N THR A 768 -28.88 -6.99 -31.02
CA THR A 768 -29.56 -7.82 -30.04
C THR A 768 -29.37 -7.21 -28.65
N LEU A 769 -30.41 -7.31 -27.82
CA LEU A 769 -30.29 -6.82 -26.45
C LEU A 769 -29.14 -7.52 -25.72
N ILE A 770 -29.10 -8.85 -25.79
CA ILE A 770 -27.94 -9.61 -25.34
C ILE A 770 -26.87 -9.46 -26.42
N PRO A 771 -25.72 -8.86 -26.13
CA PRO A 771 -24.73 -8.61 -27.21
C PRO A 771 -24.23 -9.92 -27.78
N TRP A 772 -24.16 -10.01 -29.10
CA TRP A 772 -23.77 -11.25 -29.75
C TRP A 772 -22.34 -11.67 -29.38
N CYS A 773 -21.42 -10.71 -29.31
CA CYS A 773 -20.00 -11.05 -29.16
C CYS A 773 -19.68 -11.66 -27.79
N LEU A 774 -20.51 -11.41 -26.78
CA LEU A 774 -20.20 -11.95 -25.45
C LEU A 774 -20.44 -13.46 -25.38
N PRO A 775 -21.59 -14.00 -25.77
CA PRO A 775 -21.66 -15.47 -25.92
C PRO A 775 -20.75 -15.97 -27.02
N HIS A 776 -20.43 -15.13 -28.02
CA HIS A 776 -19.55 -15.57 -29.10
C HIS A 776 -18.19 -16.03 -28.57
N THR A 777 -17.58 -15.26 -27.67
CA THR A 777 -16.25 -15.62 -27.19
C THR A 777 -16.15 -15.79 -25.68
N GLY A 778 -17.29 -15.96 -24.99
CA GLY A 778 -17.27 -16.02 -23.53
C GLY A 778 -16.52 -17.23 -22.97
N ASN A 779 -16.53 -18.35 -23.68
CA ASN A 779 -15.92 -19.57 -23.16
C ASN A 779 -14.43 -19.40 -22.86
N ARG A 780 -13.75 -18.51 -23.57
CA ARG A 780 -12.33 -18.27 -23.32
C ARG A 780 -12.06 -16.93 -22.66
N HIS A 781 -13.09 -16.26 -22.14
CA HIS A 781 -12.88 -15.00 -21.41
C HIS A 781 -13.63 -14.99 -20.09
N ASN A 782 -13.74 -16.15 -19.43
CA ASN A 782 -14.41 -16.24 -18.14
C ASN A 782 -15.82 -15.65 -18.22
N HIS A 783 -16.53 -16.01 -19.28
CA HIS A 783 -17.91 -15.60 -19.54
C HIS A 783 -18.10 -14.09 -19.47
N TRP A 784 -17.00 -13.35 -19.71
CA TRP A 784 -17.02 -11.89 -19.67
C TRP A 784 -17.70 -11.38 -18.41
N ALA A 785 -17.33 -11.97 -17.27
CA ALA A 785 -17.89 -11.57 -16.00
C ALA A 785 -17.68 -10.08 -15.75
N GLY A 786 -18.75 -9.37 -15.37
CA GLY A 786 -18.67 -7.97 -15.00
C GLY A 786 -19.01 -6.99 -16.10
N LEU A 787 -19.07 -7.43 -17.36
CA LEU A 787 -19.49 -6.52 -18.42
C LEU A 787 -20.97 -6.18 -18.26
N TYR A 788 -21.30 -4.91 -18.48
CA TYR A 788 -22.61 -4.37 -18.12
C TYR A 788 -22.94 -4.69 -16.67
N GLY A 789 -21.92 -4.69 -15.81
CA GLY A 789 -22.10 -5.04 -14.42
C GLY A 789 -22.40 -3.81 -13.57
N ARG A 790 -23.25 -4.01 -12.57
CA ARG A 790 -23.61 -2.95 -11.63
C ARG A 790 -22.70 -2.96 -10.41
N LEU A 791 -22.33 -1.77 -9.96
CA LEU A 791 -21.77 -1.65 -8.62
C LEU A 791 -22.83 -2.00 -7.58
N GLU A 792 -22.38 -2.34 -6.38
CA GLU A 792 -23.30 -2.60 -5.28
C GLU A 792 -22.99 -1.66 -4.13
N TRP A 793 -24.06 -1.21 -3.45
CA TRP A 793 -23.93 -0.23 -2.39
C TRP A 793 -22.98 -0.71 -1.30
N ASP A 794 -23.03 -2.00 -0.95
CA ASP A 794 -22.19 -2.52 0.12
C ASP A 794 -20.76 -2.81 -0.32
N GLY A 795 -20.46 -2.76 -1.62
CA GLY A 795 -19.19 -3.21 -2.15
C GLY A 795 -18.25 -2.08 -2.50
N PHE A 796 -17.42 -2.30 -3.52
CA PHE A 796 -16.40 -1.32 -3.90
C PHE A 796 -16.28 -1.26 -5.41
N PHE A 797 -15.67 -0.16 -5.88
CA PHE A 797 -15.35 -0.01 -7.30
C PHE A 797 -14.21 -0.94 -7.70
N SER A 798 -14.30 -1.48 -8.91
CA SER A 798 -13.08 -1.97 -9.55
C SER A 798 -12.21 -0.75 -9.89
N THR A 799 -10.94 -1.01 -10.25
CA THR A 799 -9.99 0.08 -10.48
C THR A 799 -10.60 1.16 -11.37
N THR A 800 -10.67 2.38 -10.86
CA THR A 800 -11.37 3.46 -11.56
C THR A 800 -10.73 3.71 -12.91
N VAL A 801 -11.50 3.53 -13.95
CA VAL A 801 -10.95 3.49 -15.29
C VAL A 801 -10.98 4.90 -15.89
N THR A 802 -10.22 5.08 -16.97
CA THR A 802 -10.11 6.38 -17.61
C THR A 802 -11.26 6.68 -18.57
N ASN A 803 -12.04 5.67 -18.96
CA ASN A 803 -13.14 5.85 -19.90
C ASN A 803 -14.15 4.72 -19.71
N PRO A 804 -15.21 4.95 -18.91
CA PRO A 804 -16.11 3.85 -18.54
C PRO A 804 -16.87 3.32 -19.75
N GLU A 805 -16.70 2.03 -20.02
CA GLU A 805 -17.33 1.37 -21.16
C GLU A 805 -17.94 0.06 -20.67
N PRO A 806 -19.25 -0.13 -20.80
CA PRO A 806 -19.87 -1.35 -20.26
C PRO A 806 -19.39 -2.62 -20.92
N MET A 807 -19.01 -2.58 -22.19
CA MET A 807 -18.53 -3.79 -22.87
C MET A 807 -17.01 -3.84 -22.99
N GLY A 808 -16.30 -2.96 -22.29
CA GLY A 808 -14.87 -3.08 -22.18
C GLY A 808 -14.47 -4.05 -21.08
N LYS A 809 -13.15 -4.29 -21.00
CA LYS A 809 -12.61 -5.24 -20.03
C LYS A 809 -13.07 -4.89 -18.61
N GLN A 810 -12.94 -3.63 -18.23
CA GLN A 810 -13.44 -3.17 -16.93
C GLN A 810 -14.87 -2.64 -17.08
N GLY A 811 -15.77 -3.56 -17.38
CA GLY A 811 -17.14 -3.21 -17.73
C GLY A 811 -18.09 -3.02 -16.57
N ARG A 812 -17.63 -3.16 -15.33
CA ARG A 812 -18.54 -3.04 -14.19
C ARG A 812 -18.63 -1.56 -13.79
N VAL A 813 -19.34 -0.81 -14.62
CA VAL A 813 -19.36 0.65 -14.50
C VAL A 813 -20.77 1.20 -14.36
N LEU A 814 -21.77 0.34 -14.18
CA LEU A 814 -23.14 0.80 -14.04
C LEU A 814 -23.45 1.22 -12.60
N HIS A 815 -24.29 2.24 -12.47
CA HIS A 815 -24.70 2.72 -11.17
C HIS A 815 -25.47 1.63 -10.44
N PRO A 816 -25.43 1.59 -9.10
CA PRO A 816 -26.16 0.53 -8.38
C PRO A 816 -27.65 0.51 -8.66
N GLU A 817 -28.25 1.65 -8.97
CA GLU A 817 -29.69 1.74 -9.17
C GLU A 817 -30.10 2.46 -10.45
N GLN A 818 -29.38 3.50 -10.83
CA GLN A 818 -29.77 4.27 -12.01
C GLN A 818 -29.25 3.62 -13.28
N HIS A 819 -29.98 3.85 -14.38
CA HIS A 819 -29.71 3.11 -15.63
C HIS A 819 -28.71 3.90 -16.49
N ARG A 820 -27.48 3.94 -15.98
CA ARG A 820 -26.45 4.79 -16.57
C ARG A 820 -25.10 4.31 -16.07
N VAL A 821 -24.04 4.78 -16.71
CA VAL A 821 -22.71 4.56 -16.17
C VAL A 821 -22.41 5.62 -15.10
N VAL A 822 -21.38 5.34 -14.30
CA VAL A 822 -20.96 6.26 -13.23
C VAL A 822 -20.53 7.61 -13.81
N SER A 823 -20.76 8.66 -13.04
CA SER A 823 -20.45 10.01 -13.47
C SER A 823 -18.99 10.36 -13.18
N VAL A 824 -18.55 11.48 -13.73
CA VAL A 824 -17.22 11.98 -13.41
C VAL A 824 -17.08 12.20 -11.91
N ARG A 825 -18.10 12.84 -11.29
CA ARG A 825 -18.05 13.07 -9.84
C ARG A 825 -17.97 11.76 -9.08
N GLU A 826 -18.72 10.74 -9.51
CA GLU A 826 -18.68 9.46 -8.81
C GLU A 826 -17.30 8.80 -8.94
N CYS A 827 -16.67 8.91 -10.11
CA CYS A 827 -15.30 8.41 -10.26
C CYS A 827 -14.32 9.18 -9.38
N ALA A 828 -14.48 10.51 -9.32
CA ALA A 828 -13.64 11.31 -8.44
C ALA A 828 -13.81 10.91 -6.97
N ARG A 829 -15.05 10.60 -6.56
CA ARG A 829 -15.31 10.13 -5.19
C ARG A 829 -14.70 8.76 -4.95
N SER A 830 -14.75 7.88 -5.96
CA SER A 830 -14.07 6.59 -5.84
C SER A 830 -12.56 6.75 -5.67
N GLN A 831 -12.00 7.85 -6.18
CA GLN A 831 -10.58 8.13 -5.99
C GLN A 831 -10.26 8.95 -4.74
N GLY A 832 -11.26 9.39 -3.98
CA GLY A 832 -10.99 10.22 -2.82
C GLY A 832 -10.65 11.67 -3.10
N PHE A 833 -11.04 12.21 -4.27
CA PHE A 833 -10.86 13.62 -4.52
C PHE A 833 -11.86 14.47 -3.74
N PRO A 834 -11.43 15.57 -3.13
CA PRO A 834 -12.41 16.54 -2.61
C PRO A 834 -13.32 17.02 -3.71
N ASP A 835 -14.57 17.36 -3.35
CA ASP A 835 -15.54 17.83 -4.34
C ASP A 835 -15.11 19.15 -4.97
N THR A 836 -14.27 19.92 -4.29
CA THR A 836 -13.76 21.19 -4.78
C THR A 836 -12.57 21.05 -5.73
N TYR A 837 -12.05 19.83 -5.95
CA TYR A 837 -10.89 19.68 -6.81
C TYR A 837 -11.30 19.87 -8.26
N ARG A 838 -10.76 20.90 -8.91
CA ARG A 838 -11.19 21.27 -10.25
C ARG A 838 -10.63 20.33 -11.30
N LEU A 839 -11.45 20.04 -12.31
CA LEU A 839 -11.06 19.25 -13.48
C LEU A 839 -11.19 20.14 -14.71
N PHE A 840 -10.64 19.69 -15.84
CA PHE A 840 -10.62 20.56 -17.01
C PHE A 840 -10.91 19.79 -18.29
N GLY A 841 -11.71 20.39 -19.16
CA GLY A 841 -11.94 19.87 -20.51
C GLY A 841 -13.30 19.21 -20.68
N ASN A 842 -13.41 18.40 -21.74
CA ASN A 842 -14.65 17.70 -22.01
C ASN A 842 -14.77 16.50 -21.06
N ILE A 843 -15.89 15.79 -21.17
CA ILE A 843 -16.20 14.75 -20.19
C ILE A 843 -15.18 13.62 -20.26
N LEU A 844 -14.70 13.30 -21.46
CA LEU A 844 -13.70 12.23 -21.58
C LEU A 844 -12.36 12.66 -21.01
N ASP A 845 -11.99 13.93 -21.18
CA ASP A 845 -10.78 14.45 -20.56
C ASP A 845 -10.89 14.37 -19.03
N LYS A 846 -12.06 14.72 -18.49
CA LYS A 846 -12.20 14.68 -17.03
C LYS A 846 -12.16 13.25 -16.50
N HIS A 847 -12.81 12.31 -17.19
CA HIS A 847 -12.72 10.90 -16.77
C HIS A 847 -11.28 10.42 -16.79
N ARG A 848 -10.51 10.79 -17.81
CA ARG A 848 -9.12 10.34 -17.90
C ARG A 848 -8.26 10.96 -16.81
N GLN A 849 -8.45 12.25 -16.52
CA GLN A 849 -7.75 12.88 -15.40
C GLN A 849 -8.01 12.16 -14.10
N VAL A 850 -9.28 11.84 -13.83
CA VAL A 850 -9.61 11.17 -12.58
C VAL A 850 -8.98 9.78 -12.55
N GLY A 851 -9.15 9.02 -13.63
CA GLY A 851 -8.77 7.62 -13.63
C GLY A 851 -7.27 7.40 -13.60
N ASN A 852 -6.49 8.36 -14.09
CA ASN A 852 -5.03 8.24 -14.06
C ASN A 852 -4.40 8.65 -12.73
N ALA A 853 -5.15 9.26 -11.82
CA ALA A 853 -4.54 9.88 -10.65
C ALA A 853 -4.22 8.86 -9.57
N VAL A 854 -3.25 9.19 -8.74
CA VAL A 854 -3.08 8.50 -7.45
C VAL A 854 -4.18 8.98 -6.51
N PRO A 855 -4.93 8.10 -5.85
CA PRO A 855 -5.93 8.55 -4.85
C PRO A 855 -5.28 9.35 -3.74
N PRO A 856 -5.79 10.56 -3.47
CA PRO A 856 -5.18 11.41 -2.44
C PRO A 856 -5.10 10.74 -1.08
N PRO A 857 -6.07 9.92 -0.66
CA PRO A 857 -5.89 9.23 0.65
C PRO A 857 -4.67 8.31 0.71
N LEU A 858 -4.36 7.60 -0.38
CA LEU A 858 -3.15 6.80 -0.43
C LEU A 858 -1.92 7.69 -0.36
N ALA A 859 -1.90 8.75 -1.19
CA ALA A 859 -0.77 9.67 -1.17
C ALA A 859 -0.58 10.32 0.20
N LYS A 860 -1.69 10.63 0.89
CA LYS A 860 -1.62 11.22 2.22
C LYS A 860 -1.00 10.25 3.24
N ALA A 861 -1.39 8.98 3.20
CA ALA A 861 -0.79 8.02 4.14
C ALA A 861 0.73 7.91 3.93
N ILE A 862 1.15 7.84 2.66
CA ILE A 862 2.58 7.79 2.38
C ILE A 862 3.27 9.06 2.89
N GLY A 863 2.65 10.22 2.63
CA GLY A 863 3.22 11.49 3.07
C GLY A 863 3.38 11.58 4.57
N LEU A 864 2.44 11.01 5.33
CA LEU A 864 2.56 11.05 6.78
C LEU A 864 3.76 10.22 7.25
N GLU A 865 4.03 9.09 6.58
CA GLU A 865 5.26 8.36 6.90
C GLU A 865 6.50 9.22 6.64
N ILE A 866 6.50 9.98 5.54
CA ILE A 866 7.64 10.85 5.28
C ILE A 866 7.75 11.94 6.36
N LYS A 867 6.61 12.47 6.80
CA LYS A 867 6.61 13.48 7.86
C LYS A 867 7.24 12.92 9.13
N LEU A 868 6.94 11.66 9.46
CA LEU A 868 7.60 11.04 10.61
C LEU A 868 9.12 11.08 10.43
N CYS A 869 9.60 10.84 9.22
CA CYS A 869 11.06 10.91 9.01
C CYS A 869 11.60 12.32 9.14
N MET A 870 10.88 13.30 8.61
CA MET A 870 11.31 14.70 8.74
C MET A 870 11.43 15.09 10.21
N LEU A 871 10.45 14.68 11.03
CA LEU A 871 10.47 15.04 12.44
C LEU A 871 11.56 14.29 13.19
N ALA A 872 11.86 13.06 12.79
CA ALA A 872 12.85 12.27 13.51
C ALA A 872 14.28 12.50 13.04
N LYS A 873 14.50 13.30 11.98
CA LYS A 873 15.86 13.46 11.47
C LYS A 873 16.82 13.89 12.58
N ALA A 874 17.93 13.17 12.69
CA ALA A 874 18.93 13.41 13.72
C ALA A 874 19.91 14.50 13.33
N1 5CM B 6 -12.52 -8.51 -27.67
C2 5CM B 6 -11.88 -7.27 -27.23
N3 5CM B 6 -12.49 -6.35 -26.39
C4 5CM B 6 -13.77 -6.65 -25.97
C5 5CM B 6 -14.45 -7.84 -26.36
C5A 5CM B 6 -15.86 -8.13 -25.88
C6 5CM B 6 -13.83 -8.75 -27.18
O2 5CM B 6 -10.80 -7.07 -27.62
N4 5CM B 6 -14.38 -5.78 -25.18
C1' 5CM B 6 -11.84 -9.51 -28.54
C2' 5CM B 6 -12.23 -10.94 -28.24
C3' 5CM B 6 -11.63 -11.62 -29.45
C4' 5CM B 6 -11.71 -10.59 -30.59
O4' 5CM B 6 -12.06 -9.35 -29.92
O3' 5CM B 6 -10.26 -11.86 -29.14
C5' 5CM B 6 -12.74 -10.95 -31.62
O5' 5CM B 6 -13.98 -11.12 -30.95
P 5CM B 6 -15.35 -11.23 -31.90
OP1 5CM B 6 -15.11 -12.23 -32.98
OP2 5CM B 6 -16.56 -11.63 -31.04
P PYO C 6 -2.08 -3.81 -14.49
OP1 PYO C 6 -0.70 -3.42 -14.97
OP2 PYO C 6 -2.53 -3.41 -13.10
O5' PYO C 6 -3.14 -3.29 -15.56
C5' PYO C 6 -2.74 -2.37 -16.57
C4' PYO C 6 -2.09 -3.07 -17.73
O4' PYO C 6 -2.36 -4.50 -17.70
C3' PYO C 6 -2.58 -2.66 -19.11
C1' PYO C 6 -2.36 -5.02 -19.01
O3' PYO C 6 -2.03 -1.43 -19.53
C2' PYO C 6 -2.15 -3.84 -19.97
O2' PYO C 6 -0.76 -3.76 -20.28
N1 PYO C 6 -3.64 -5.72 -19.25
C6 PYO C 6 -4.75 -5.39 -18.56
C2 PYO C 6 -3.72 -6.79 -20.26
C5 PYO C 6 -5.93 -6.07 -18.79
O2 PYO C 6 -2.76 -7.08 -20.88
N3 PYO C 6 -4.90 -7.46 -20.50
C4 PYO C 6 -5.96 -7.06 -19.75
ZN ZN D . -17.37 -17.32 -34.46
ZN ZN E . 27.80 -11.35 16.39
C01 I67 F . 20.23 -9.43 -23.51
C02 I67 F . 19.27 -8.32 -22.86
C03 I67 F . 19.92 -7.55 -21.72
C04 I67 F . 20.90 -6.57 -21.95
C05 I67 F . 21.25 -6.32 -23.33
C07 I67 F . 21.48 -5.88 -20.85
C09 I67 F . 23.30 -4.73 -22.20
C10 I67 F . 24.84 -4.68 -22.05
C11 I67 F . 25.40 -5.43 -20.82
C13 I67 F . 24.27 -3.71 -19.66
C14 I67 F . 22.85 -4.28 -19.74
C15 I67 F . 24.99 -5.65 -18.47
C17 I67 F . 20.18 -7.08 -19.36
C19 I67 F . 20.39 -5.98 -16.83
C20 I67 F . 21.78 -6.28 -16.25
C21 I67 F . 22.50 -5.24 -15.64
C22 I67 F . 23.75 -5.49 -15.10
C23 I67 F . 24.30 -6.78 -15.16
C24 I67 F . 25.71 -6.96 -14.56
C26 I67 F . 27.34 -5.15 -14.45
C27 I67 F . 27.14 -5.02 -12.91
C30 I67 F . 23.61 -7.83 -15.77
C31 I67 F . 22.34 -7.58 -16.31
C32 I67 F . 19.57 -7.80 -20.39
C33 I67 F . 18.59 -8.79 -20.05
N06 I67 F . 21.48 -6.13 -24.42
N08 I67 F . 22.44 -4.90 -21.01
N12 I67 F . 25.31 -4.73 -19.55
N16 I67 F . 21.12 -6.13 -19.57
N25 I67 F . 26.68 -6.06 -15.16
N28 I67 F . 27.54 -3.68 -12.54
N34 I67 F . 17.80 -9.58 -19.86
O29 I67 F . 28.12 -4.41 -14.99
S18 I67 F . 19.70 -7.43 -17.71
C01 I67 G . 19.99 -11.94 1.09
C02 I67 G . 20.00 -13.27 1.99
C03 I67 G . 21.42 -13.82 2.17
C04 I67 G . 21.87 -14.92 1.44
C05 I67 G . 20.95 -15.51 0.50
C07 I67 G . 23.18 -15.39 1.65
C09 I67 G . 25.13 -16.67 1.05
C10 I67 G . 25.61 -17.23 2.42
C11 I67 G . 25.47 -18.76 2.59
C13 I67 G . 23.62 -18.99 1.01
C14 I67 G . 22.82 -17.69 1.00
C15 I67 G . 23.21 -19.01 3.38
C17 I67 G . 23.61 -13.74 3.22
C19 I67 G . 26.29 -13.82 4.01
C20 I67 G . 26.48 -14.99 4.97
C21 I67 G . 25.55 -15.20 6.03
C22 I67 G . 25.73 -16.26 6.90
C23 I67 G . 26.82 -17.15 6.74
C24 I67 G . 27.00 -18.31 7.73
C26 I67 G . 25.27 -19.92 7.06
C27 I67 G . 24.89 -21.33 6.50
C30 I67 G . 27.74 -16.94 5.71
C31 I67 G . 27.57 -15.87 4.83
C32 I67 G . 22.31 -13.22 3.08
C33 I67 G . 21.89 -12.07 3.85
N06 I67 G . 20.20 -15.94 -0.23
N08 I67 G . 23.66 -16.48 0.96
N12 I67 G . 24.16 -19.35 2.31
N16 I67 G . 24.05 -14.81 2.52
N25 I67 G . 26.56 -19.60 7.21
N28 I67 G . 24.52 -22.21 7.59
N34 I67 G . 21.49 -11.18 4.42
O29 I67 G . 24.41 -19.13 7.35
S18 I67 G . 24.69 -12.96 4.36
C1 EDO H . -10.59 10.55 2.50
O1 EDO H . -11.18 11.53 3.38
C2 EDO H . -10.09 9.34 3.29
O2 EDO H . -11.12 8.34 3.55
C1 EDO I . 25.52 0.01 -7.50
O1 EDO I . 26.35 0.60 -6.48
C2 EDO I . 24.72 -1.17 -6.94
O2 EDO I . 25.61 -2.15 -6.38
C1 EDO J . 29.28 2.41 -6.46
O1 EDO J . 28.74 1.51 -7.44
C2 EDO J . 28.18 3.02 -5.59
O2 EDO J . 28.68 4.12 -4.81
C1 EDO K . -25.74 7.01 13.28
O1 EDO K . -25.09 6.02 14.09
C2 EDO K . -27.23 6.71 13.14
O2 EDO K . -27.87 7.74 12.38
C1 EDO L . -0.15 2.14 17.00
O1 EDO L . -1.39 1.42 16.99
C2 EDO L . 0.98 1.21 17.40
O2 EDO L . 0.95 1.04 18.82
C1 EDO M . -21.57 15.69 -21.94
O1 EDO M . -20.99 16.60 -21.02
C2 EDO M . -22.32 14.60 -21.19
O2 EDO M . -22.30 13.41 -21.99
C1 GOL N . -6.83 -4.90 6.48
C1 GOL N . -6.46 -4.88 6.85
O1 GOL N . -7.03 -3.90 5.53
O1 GOL N . -5.26 -5.07 7.52
C2 GOL N . -7.60 -6.19 6.00
C2 GOL N . -7.17 -6.27 6.76
O2 GOL N . -8.77 -5.90 5.31
O2 GOL N . -8.50 -6.15 6.40
C3 GOL N . -6.62 -6.98 5.10
C3 GOL N . -6.37 -7.09 5.70
O3 GOL N . -7.39 -7.93 4.40
O3 GOL N . -7.33 -7.81 4.95
C1 EDO O . -9.67 9.60 11.89
O1 EDO O . -9.15 10.31 13.03
C2 EDO O . -10.87 10.35 11.32
O2 EDO O . -10.44 11.62 10.82
C1 EDO P . -8.84 7.84 8.16
O1 EDO P . -7.60 8.19 8.81
C2 EDO P . -8.65 7.83 6.64
O2 EDO P . -9.76 7.20 5.99
C1 EDO Q . 16.07 24.65 3.54
O1 EDO Q . 14.72 24.76 3.08
C2 EDO Q . 16.96 24.14 2.41
O2 EDO Q . 16.78 24.96 1.24
C1 EDO R . 7.48 -5.79 -25.41
O1 EDO R . 7.89 -7.16 -25.36
C2 EDO R . 6.83 -5.39 -24.08
O2 EDO R . 7.70 -5.68 -22.98
C1 EDO S . -1.39 7.06 18.85
O1 EDO S . -0.66 6.34 17.84
C2 EDO S . -1.84 6.07 19.92
O2 EDO S . -0.70 5.31 20.34
C1 EDO T . 1.54 2.27 13.76
O1 EDO T . 2.36 2.51 12.60
C2 EDO T . 0.09 2.62 13.46
O2 EDO T . -0.06 3.98 13.02
C1 EDO U . 13.30 -1.93 8.96
O1 EDO U . 14.42 -2.83 8.95
C2 EDO U . 13.63 -0.67 9.74
O2 EDO U . 14.96 -0.24 9.43
C1 EDO V . 19.31 27.12 -5.95
O1 EDO V . 18.48 28.26 -6.21
C2 EDO V . 19.80 27.09 -4.50
O2 EDO V . 18.71 26.97 -3.58
C1 EDO W . -7.83 14.21 4.10
O1 EDO W . -7.83 13.55 5.37
C2 EDO W . -7.65 15.71 4.29
O2 EDO W . -6.44 15.96 5.02
C1 EDO X . -6.35 11.99 10.02
O1 EDO X . -6.07 11.62 8.67
C2 EDO X . -5.49 11.16 10.97
O2 EDO X . -4.10 11.25 10.57
C1 EDO Y . -31.60 -13.48 -13.57
O1 EDO Y . -31.08 -13.68 -14.88
C2 EDO Y . -32.62 -12.34 -13.65
O2 EDO Y . -33.58 -12.58 -12.63
C1 EDO Z . 4.91 -9.18 8.51
O1 EDO Z . 4.36 -9.10 9.83
C2 EDO Z . 5.93 -8.05 8.32
O2 EDO Z . 7.00 -8.24 9.25
C1 EDO AA . -18.78 7.77 37.71
O1 EDO AA . -18.57 7.31 39.05
C2 EDO AA . -20.13 8.49 37.57
O2 EDO AA . -21.21 7.56 37.42
C01 I67 BA . -9.98 -8.70 -22.43
C02 I67 BA . -9.90 -7.35 -23.27
C03 I67 BA . -8.56 -7.22 -24.06
C04 I67 BA . -8.32 -7.93 -25.24
C05 I67 BA . -9.32 -8.85 -25.70
C07 I67 BA . -7.09 -7.77 -25.89
C09 I67 BA . -5.40 -8.62 -27.37
C10 I67 BA . -4.74 -7.39 -28.06
C11 I67 BA . -5.64 -6.75 -29.12
C13 I67 BA . -7.17 -8.61 -29.53
C14 I67 BA . -7.75 -8.20 -28.17
C15 I67 BA . -5.17 -8.35 -30.81
C17 I67 BA . -6.36 -6.25 -24.33
C19 I67 BA . -3.77 -5.37 -24.95
C20 I67 BA . -2.73 -4.28 -24.66
C21 I67 BA . -2.62 -3.16 -25.51
C22 I67 BA . -1.69 -2.16 -25.23
C23 I67 BA . -0.85 -2.27 -24.09
C24 I67 BA . 0.17 -1.17 -23.77
C26 I67 BA . 2.58 -1.27 -23.37
C27 I67 BA . 4.03 -1.67 -23.87
C30 I67 BA . -0.98 -3.38 -23.24
C31 I67 BA . -1.91 -4.38 -23.52
C32 I67 BA . -7.55 -6.34 -23.61
C33 I67 BA . -7.72 -5.57 -22.41
N06 I67 BA . -10.18 -9.54 -25.99
N08 I67 BA . -6.84 -8.46 -27.05
N12 I67 BA . -6.24 -7.64 -30.11
N16 I67 BA . -6.12 -6.93 -25.46
N25 I67 BA . 1.54 -1.52 -24.15
N28 I67 BA . 4.71 -2.60 -23.01
N34 I67 BA . -7.83 -4.94 -21.48
O29 I67 BA . 2.44 -0.76 -22.30
S18 I67 BA . -5.13 -5.15 -23.71
#